data_5YNC
#
_entry.id   5YNC
#
_cell.length_a   88.925
_cell.length_b   88.925
_cell.length_c   299.527
_cell.angle_alpha   90.00
_cell.angle_beta   90.00
_cell.angle_gamma   90.00
#
_symmetry.space_group_name_H-M   'P 43 21 2'
#
loop_
_entity.id
_entity.type
_entity.pdbx_description
1 polymer 'PulA protein'
2 branched Cycloheptakis-(1-4)-(alpha-D-glucopyranose)
3 non-polymer 'CALCIUM ION'
4 non-polymer 'ACETATE ION'
5 non-polymer GLYCEROL
6 water water
#
_entity_poly.entity_id   1
_entity_poly.type   'polypeptide(L)'
_entity_poly.pdbx_seq_one_letter_code
;MLRYTCHALFLGSLVLLSGCDNSSSSSTSGSPGSPGNPGNPGTPGTPDPQDVVVRLPDVAVPGEAVQASARQAVIHLVDI
AGITSSTPADYATKNLYLWNNETCDALSAPVADWNDVSTTPTGSDKYGPYWVIPLTKESGCINVIVRDGTNKLIDSDLRV
SFSDFTDRTVSVIAGNSAVYDSRADAFRAAFGVALADAHWVDKTTLLWPGGENKPIVRLYYSHSSKVAADSNGEFSDKYV
KLTPTTVNQQVSMRFPHLASYPAFKLPDDVNVDELLQGETVAIAAESDGILSSATQVQTAGVLDDTYAAAAEALSYGAQL
TDSGVTFRVWAPTAQQVELVIYSADKKVIASHPMTRDSASGAWSWQGGSDLKGAFYRYAMTVYHPQSRKVEQYEVTDPYA
HSLSTNSEYSQVVDLNDSALKPEGWDGLTMPHAQKTKADLAKMTIHESHIRDLSAWDQTVPAELRGKYLALTAQESNMVQ
HLKQLSASGVTHIELLPVFDLATVNEFSDKVADIQQPFSRLCEVNSAVKSSEFAGYCDSGSTVEEVLTQLKQNDSKDNPQ
VQALNTLVAQTDSYNWGYDPFHYTVPEGSYATDPEGTARIKEFRTMIQAIKQDLGMNVIMDVVYNHTNAAGPTDRTSVLD
KIVPWYYQRLNETTGSVESATCCSDSAPEHRMFAKLIADSLAVWTTDYKIDGFRFDLMLYHPKAQILSAWERIKALNPDI
YFFGEGWDSNQSDRFEIASQINLKGTGIGTFSDRLRDAVRGGGPFDSGDALRQNQGVGSGAGVLPNELTTLSDDQARHLA
DLTRLGMAGNLADFVLIDKDGAVKRGSEIDYNGAPGGYAADPTEVVNYVSKHDNQTLWDMISYKAAQEADLDTRVRMQAV
SLATVMLGQGIAFDQQGSELLRSKSFTRDSYDSGDWFNRVDYSLQDNNYNVGMPRSSDDGSNYDIIARVKDAVATPGETE
LKQMTAFYQELTALRKSSPLFTLGDGATVMKRVDFRNTGADQQTGLLVMTIDDGMQAGASLDSRVDGIVVAINAAPESRT
LQDFAGTSLQLSAIQQAAGDRSLASGVQVAADGSVTLPAWSVAVLELPQGESQGAGLPVSSK
;
_entity_poly.pdbx_strand_id   A
#
loop_
_chem_comp.id
_chem_comp.type
_chem_comp.name
_chem_comp.formula
ACT non-polymer 'ACETATE ION' 'C2 H3 O2 -1'
CA non-polymer 'CALCIUM ION' 'Ca 2'
GLC D-saccharide, alpha linking alpha-D-glucopyranose 'C6 H12 O6'
GOL non-polymer GLYCEROL 'C3 H8 O3'
#
# COMPACT_ATOMS: atom_id res chain seq x y z
N ASP A 51 -1.36 40.01 34.30
CA ASP A 51 -1.97 39.14 33.28
C ASP A 51 -3.37 38.74 33.68
N VAL A 52 -4.28 38.72 32.70
CA VAL A 52 -5.64 38.27 32.96
C VAL A 52 -5.65 36.76 33.16
N VAL A 53 -6.51 36.28 34.06
CA VAL A 53 -6.65 34.86 34.28
C VAL A 53 -7.68 34.32 33.29
N VAL A 54 -7.24 33.40 32.42
CA VAL A 54 -8.16 32.68 31.55
C VAL A 54 -9.03 31.76 32.39
N ARG A 55 -10.32 31.76 32.10
CA ARG A 55 -11.29 31.10 32.96
C ARG A 55 -12.50 30.69 32.15
N LEU A 56 -13.25 29.74 32.69
CA LEU A 56 -14.51 29.32 32.14
C LEU A 56 -15.55 30.44 32.24
N PRO A 57 -16.68 30.30 31.54
CA PRO A 57 -17.84 31.14 31.85
C PRO A 57 -18.12 31.16 33.34
N ASP A 58 -18.43 32.36 33.85
CA ASP A 58 -18.75 32.59 35.25
C ASP A 58 -20.08 31.93 35.64
N VAL A 59 -20.48 30.88 34.92
CA VAL A 59 -21.76 30.20 35.16
C VAL A 59 -21.50 28.71 35.24
N ALA A 60 -22.48 28.00 35.81
CA ALA A 60 -22.34 26.59 36.12
C ALA A 60 -22.27 25.73 34.87
N VAL A 61 -22.03 24.44 35.08
CA VAL A 61 -22.12 23.44 34.03
C VAL A 61 -23.57 22.98 33.95
N PRO A 62 -24.22 23.11 32.80
CA PRO A 62 -25.68 22.94 32.74
C PRO A 62 -26.11 21.50 32.96
N GLY A 63 -27.28 21.33 33.59
CA GLY A 63 -27.97 20.06 33.62
C GLY A 63 -28.94 19.94 32.45
N GLU A 64 -29.71 18.86 32.46
CA GLU A 64 -30.76 18.65 31.47
C GLU A 64 -32.00 19.49 31.80
N ALA A 65 -32.52 20.21 30.80
CA ALA A 65 -33.71 21.05 31.00
C ALA A 65 -34.96 20.20 31.17
N VAL A 66 -35.17 19.22 30.27
CA VAL A 66 -36.30 18.31 30.33
C VAL A 66 -35.82 16.94 29.85
N GLN A 67 -36.39 15.89 30.43
CA GLN A 67 -36.21 14.51 29.94
C GLN A 67 -37.44 14.08 29.17
N ALA A 68 -37.22 13.46 28.02
CA ALA A 68 -38.33 12.95 27.23
C ALA A 68 -39.06 11.83 27.96
N SER A 69 -40.35 11.71 27.67
CA SER A 69 -41.20 10.62 28.15
C SER A 69 -41.49 9.69 26.97
N ALA A 70 -42.45 8.80 27.17
CA ALA A 70 -42.79 7.83 26.14
C ALA A 70 -43.26 8.53 24.88
N ARG A 71 -42.87 7.98 23.72
CA ARG A 71 -43.19 8.56 22.42
C ARG A 71 -42.76 10.02 22.35
N GLN A 72 -41.59 10.33 22.90
CA GLN A 72 -41.06 11.69 22.90
C GLN A 72 -39.56 11.65 22.66
N ALA A 73 -39.04 12.73 22.08
CA ALA A 73 -37.62 13.01 22.08
C ALA A 73 -37.42 14.49 22.40
N VAL A 74 -36.26 14.84 22.95
CA VAL A 74 -35.96 16.20 23.35
C VAL A 74 -34.62 16.62 22.77
N ILE A 75 -34.58 17.80 22.15
CA ILE A 75 -33.35 18.38 21.64
C ILE A 75 -33.11 19.70 22.37
N HIS A 76 -31.95 19.83 23.00
CA HIS A 76 -31.48 21.10 23.56
C HIS A 76 -30.55 21.79 22.58
N LEU A 77 -30.78 23.08 22.35
CA LEU A 77 -29.80 23.92 21.70
C LEU A 77 -29.10 24.73 22.77
N VAL A 78 -27.79 24.52 22.91
CA VAL A 78 -27.02 25.15 23.96
C VAL A 78 -26.46 26.45 23.41
N ASP A 79 -27.00 27.57 23.89
CA ASP A 79 -26.70 28.89 23.36
C ASP A 79 -25.41 29.42 24.00
N ILE A 80 -24.29 28.90 23.52
CA ILE A 80 -22.95 29.31 23.91
C ILE A 80 -22.85 30.83 24.08
N ALA A 81 -23.21 31.58 23.03
CA ALA A 81 -23.03 33.02 23.07
C ALA A 81 -23.92 33.68 24.10
N GLY A 82 -25.17 33.23 24.22
CA GLY A 82 -26.04 33.75 25.26
C GLY A 82 -25.79 33.16 26.63
N ILE A 83 -24.96 32.13 26.72
CA ILE A 83 -24.43 31.69 28.01
C ILE A 83 -23.38 32.67 28.51
N THR A 84 -22.69 33.35 27.58
CA THR A 84 -21.90 34.54 27.90
C THR A 84 -22.84 35.70 28.26
N SER A 85 -24.08 35.34 28.60
CA SER A 85 -25.19 36.22 28.94
C SER A 85 -25.17 37.53 28.19
N SER A 86 -24.74 38.59 28.88
CA SER A 86 -25.11 39.95 28.50
C SER A 86 -26.63 40.00 28.36
N THR A 87 -27.11 40.08 27.12
CA THR A 87 -28.54 40.17 26.88
C THR A 87 -29.21 38.83 27.13
N PRO A 88 -30.26 38.77 27.98
CA PRO A 88 -31.15 37.60 27.99
C PRO A 88 -31.75 37.38 26.60
N ALA A 89 -31.12 36.52 25.80
CA ALA A 89 -31.39 36.45 24.37
C ALA A 89 -32.77 35.84 24.08
N ASP A 90 -33.28 36.17 22.90
CA ASP A 90 -34.63 35.82 22.50
C ASP A 90 -34.59 34.64 21.54
N TYR A 91 -35.40 33.62 21.81
CA TYR A 91 -35.41 32.38 21.03
C TYR A 91 -36.67 32.21 20.19
N ALA A 92 -37.48 33.27 20.03
CA ALA A 92 -38.71 33.17 19.25
C ALA A 92 -38.45 32.70 17.83
N THR A 93 -37.35 33.13 17.23
CA THR A 93 -37.11 32.77 15.83
C THR A 93 -36.44 31.41 15.68
N LYS A 94 -35.91 30.83 16.76
CA LYS A 94 -35.38 29.48 16.68
C LYS A 94 -36.50 28.51 16.33
N ASN A 95 -36.23 27.58 15.42
CA ASN A 95 -37.18 26.54 15.09
C ASN A 95 -36.44 25.33 14.57
N LEU A 96 -37.15 24.21 14.53
CA LEU A 96 -36.61 22.98 13.97
C LEU A 96 -37.38 22.63 12.71
N TYR A 97 -36.65 22.20 11.68
CA TYR A 97 -37.26 21.55 10.53
C TYR A 97 -37.14 20.05 10.71
N LEU A 98 -38.29 19.36 10.68
CA LEU A 98 -38.39 17.92 10.97
C LEU A 98 -39.15 17.23 9.85
N TRP A 99 -38.60 16.10 9.39
CA TRP A 99 -39.21 15.37 8.28
C TRP A 99 -38.82 13.91 8.38
N ASN A 100 -39.67 13.04 7.84
CA ASN A 100 -39.37 11.61 7.72
C ASN A 100 -38.95 11.24 6.30
N ASN A 101 -38.07 10.25 6.20
CA ASN A 101 -37.71 9.64 4.92
C ASN A 101 -37.49 8.15 5.14
N GLU A 102 -36.84 7.49 4.18
CA GLU A 102 -36.58 6.06 4.33
C GLU A 102 -35.53 5.76 5.38
N THR A 103 -34.64 6.72 5.67
CA THR A 103 -33.60 6.52 6.67
C THR A 103 -34.15 6.66 8.10
N CYS A 104 -34.78 7.79 8.38
CA CYS A 104 -35.31 8.11 9.72
C CYS A 104 -36.77 8.50 9.57
N ASP A 105 -37.66 7.76 10.27
CA ASP A 105 -39.09 7.89 10.07
C ASP A 105 -39.89 7.91 11.38
N ALA A 106 -39.26 8.22 12.51
CA ALA A 106 -39.90 8.09 13.82
C ALA A 106 -40.72 9.32 14.26
N LEU A 107 -40.93 10.31 13.38
CA LEU A 107 -41.70 11.48 13.74
C LEU A 107 -43.19 11.21 13.53
N SER A 108 -44.01 11.82 14.40
CA SER A 108 -45.47 11.61 14.38
C SER A 108 -46.18 12.61 13.48
N ALA A 109 -45.88 13.90 13.62
CA ALA A 109 -46.50 14.94 12.81
C ALA A 109 -45.41 15.84 12.24
N PRO A 110 -44.56 15.32 11.36
CA PRO A 110 -43.54 16.19 10.74
C PRO A 110 -44.21 17.13 9.74
N VAL A 111 -43.82 18.40 9.79
CA VAL A 111 -44.31 19.40 8.82
C VAL A 111 -43.24 19.53 7.74
N ALA A 112 -43.62 19.20 6.51
CA ALA A 112 -42.65 19.17 5.42
C ALA A 112 -42.42 20.54 4.79
N ASP A 113 -43.33 21.50 5.03
CA ASP A 113 -43.18 22.84 4.46
C ASP A 113 -41.90 23.49 4.98
N TRP A 114 -40.89 23.64 4.11
CA TRP A 114 -39.64 24.23 4.55
C TRP A 114 -39.82 25.67 5.01
N ASN A 115 -40.81 26.38 4.44
CA ASN A 115 -41.08 27.75 4.83
C ASN A 115 -41.82 27.86 6.15
N ASP A 116 -42.29 26.74 6.70
CA ASP A 116 -42.91 26.73 8.02
C ASP A 116 -41.83 26.89 9.07
N VAL A 117 -41.92 27.96 9.88
CA VAL A 117 -40.97 28.19 10.96
C VAL A 117 -41.70 28.20 12.30
N SER A 118 -42.79 27.45 12.40
CA SER A 118 -43.63 27.45 13.59
C SER A 118 -43.26 26.35 14.59
N THR A 119 -42.22 25.55 14.34
CA THR A 119 -41.79 24.55 15.33
C THR A 119 -40.77 25.20 16.26
N THR A 120 -41.31 26.06 17.09
CA THR A 120 -40.55 26.91 17.99
C THR A 120 -40.34 26.19 19.32
N PRO A 121 -39.43 26.68 20.17
CA PRO A 121 -39.07 25.95 21.38
C PRO A 121 -40.25 25.70 22.31
N THR A 122 -40.27 24.51 22.93
CA THR A 122 -41.21 24.20 23.98
C THR A 122 -40.90 24.98 25.28
N GLY A 123 -39.65 25.40 25.46
CA GLY A 123 -39.28 26.17 26.64
C GLY A 123 -37.81 26.51 26.53
N SER A 124 -37.32 27.25 27.52
CA SER A 124 -35.93 27.67 27.50
C SER A 124 -35.51 28.09 28.90
N ASP A 125 -34.20 28.00 29.16
CA ASP A 125 -33.63 28.62 30.37
C ASP A 125 -32.39 29.42 29.95
N LYS A 126 -31.55 29.75 30.94
CA LYS A 126 -30.34 30.53 30.69
C LYS A 126 -29.37 29.82 29.75
N TYR A 127 -29.54 28.53 29.54
CA TYR A 127 -28.60 27.78 28.74
C TYR A 127 -29.06 27.63 27.29
N GLY A 128 -30.31 27.98 26.99
CA GLY A 128 -30.84 27.86 25.65
C GLY A 128 -32.21 27.22 25.63
N PRO A 129 -32.79 27.11 24.45
CA PRO A 129 -34.13 26.51 24.30
C PRO A 129 -34.06 24.99 24.18
N TYR A 130 -35.23 24.37 24.32
CA TYR A 130 -35.34 22.94 24.04
C TYR A 130 -36.64 22.67 23.31
N TRP A 131 -36.69 21.52 22.65
CA TRP A 131 -37.85 21.08 21.87
C TRP A 131 -38.29 19.71 22.34
N VAL A 132 -39.60 19.56 22.56
CA VAL A 132 -40.22 18.26 22.84
C VAL A 132 -40.87 17.80 21.54
N ILE A 133 -40.41 16.67 21.02
CA ILE A 133 -40.82 16.21 19.70
C ILE A 133 -41.61 14.92 19.87
N PRO A 134 -42.90 14.90 19.51
CA PRO A 134 -43.66 13.66 19.60
C PRO A 134 -43.10 12.61 18.64
N LEU A 135 -43.25 11.34 19.03
CA LEU A 135 -42.72 10.22 18.27
C LEU A 135 -43.80 9.17 18.09
N THR A 136 -43.68 8.41 16.99
CA THR A 136 -44.52 7.24 16.75
C THR A 136 -43.94 5.97 17.36
N LYS A 137 -42.67 6.01 17.75
CA LYS A 137 -41.91 4.85 18.13
C LYS A 137 -40.70 5.36 18.89
N GLU A 138 -40.07 4.48 19.68
CA GLU A 138 -38.95 4.88 20.52
C GLU A 138 -37.63 4.29 20.07
N SER A 139 -37.61 3.67 18.90
CA SER A 139 -36.42 3.09 18.28
C SER A 139 -36.12 3.80 16.96
N GLY A 140 -34.89 3.69 16.49
CA GLY A 140 -34.54 4.25 15.20
C GLY A 140 -33.96 5.64 15.35
N CYS A 141 -34.52 6.60 14.59
CA CYS A 141 -33.89 7.91 14.48
C CYS A 141 -34.87 8.93 13.90
N ILE A 142 -34.52 10.20 14.04
CA ILE A 142 -35.26 11.30 13.44
C ILE A 142 -34.31 12.26 12.72
N ASN A 143 -34.84 12.94 11.71
CA ASN A 143 -34.11 13.91 10.91
C ASN A 143 -34.38 15.32 11.42
N VAL A 144 -33.31 16.05 11.72
CA VAL A 144 -33.44 17.38 12.31
C VAL A 144 -32.54 18.36 11.58
N ILE A 145 -33.09 19.52 11.24
CA ILE A 145 -32.30 20.69 10.89
C ILE A 145 -32.64 21.81 11.87
N VAL A 146 -31.62 22.44 12.44
CA VAL A 146 -31.79 23.46 13.46
C VAL A 146 -31.60 24.84 12.84
N ARG A 147 -32.59 25.72 13.03
CA ARG A 147 -32.70 26.94 12.25
C ARG A 147 -32.94 28.16 13.12
N ASP A 148 -32.67 29.32 12.52
CA ASP A 148 -33.20 30.61 12.96
C ASP A 148 -33.92 31.19 11.75
N GLY A 149 -35.25 31.24 11.82
CA GLY A 149 -36.02 31.49 10.61
C GLY A 149 -35.81 30.35 9.65
N THR A 150 -35.40 30.67 8.41
CA THR A 150 -35.07 29.66 7.42
C THR A 150 -33.58 29.41 7.30
N ASN A 151 -32.73 30.19 7.98
CA ASN A 151 -31.30 29.97 7.94
C ASN A 151 -30.92 28.86 8.89
N LYS A 152 -30.08 27.93 8.43
CA LYS A 152 -29.59 26.85 9.27
C LYS A 152 -28.52 27.39 10.22
N LEU A 153 -28.65 27.07 11.51
CA LEU A 153 -27.57 27.33 12.45
C LEU A 153 -26.61 26.15 12.53
N ILE A 154 -27.01 24.99 12.02
CA ILE A 154 -26.13 23.87 11.77
C ILE A 154 -26.33 23.45 10.32
N ASP A 155 -25.33 23.69 9.47
CA ASP A 155 -25.42 23.43 8.03
C ASP A 155 -25.14 21.96 7.73
N SER A 156 -26.03 21.10 8.22
CA SER A 156 -25.87 19.66 8.07
C SER A 156 -27.12 18.95 8.56
N ASP A 157 -27.72 18.09 7.72
CA ASP A 157 -28.85 17.27 8.14
C ASP A 157 -28.43 16.46 9.37
N LEU A 158 -29.06 16.73 10.51
CA LEU A 158 -28.74 16.00 11.73
C LEU A 158 -29.58 14.73 11.79
N ARG A 159 -28.94 13.66 12.25
CA ARG A 159 -29.57 12.36 12.32
C ARG A 159 -29.43 11.89 13.76
N VAL A 160 -30.52 11.99 14.53
CA VAL A 160 -30.50 11.68 15.96
C VAL A 160 -31.01 10.25 16.13
N SER A 161 -30.11 9.37 16.55
CA SER A 161 -30.40 7.95 16.66
C SER A 161 -30.80 7.63 18.10
N PHE A 162 -31.98 7.02 18.24
CA PHE A 162 -32.39 6.50 19.54
C PHE A 162 -31.56 5.29 19.93
N SER A 163 -30.90 4.67 18.95
CA SER A 163 -30.01 3.55 19.21
C SER A 163 -28.75 4.00 19.95
N ASP A 164 -28.15 5.12 19.53
CA ASP A 164 -26.97 5.66 20.20
C ASP A 164 -27.31 6.54 21.40
N PHE A 165 -28.53 7.06 21.47
CA PHE A 165 -28.98 7.91 22.58
C PHE A 165 -30.26 7.31 23.14
N THR A 166 -30.13 6.60 24.27
CA THR A 166 -31.22 5.75 24.72
C THR A 166 -32.35 6.55 25.36
N ASP A 167 -32.05 7.66 26.05
CA ASP A 167 -33.09 8.50 26.65
C ASP A 167 -33.62 9.57 25.69
N ARG A 168 -33.16 9.55 24.43
CA ARG A 168 -33.70 10.39 23.38
C ARG A 168 -33.71 11.85 23.77
N THR A 169 -32.68 12.28 24.49
CA THR A 169 -32.58 13.64 25.02
C THR A 169 -31.17 14.12 24.72
N VAL A 170 -31.04 14.93 23.67
CA VAL A 170 -29.75 15.23 23.07
C VAL A 170 -29.54 16.73 23.04
N SER A 171 -28.27 17.12 22.94
CA SER A 171 -27.92 18.53 22.82
C SER A 171 -27.11 18.74 21.56
N VAL A 172 -27.23 19.95 21.00
CA VAL A 172 -26.43 20.38 19.85
C VAL A 172 -26.02 21.83 20.06
N ILE A 173 -24.99 22.23 19.32
CA ILE A 173 -24.48 23.59 19.35
C ILE A 173 -24.48 24.14 17.94
N ALA A 174 -24.73 25.44 17.82
CA ALA A 174 -24.65 26.12 16.53
C ALA A 174 -23.25 25.97 15.95
N GLY A 175 -23.20 25.84 14.62
CA GLY A 175 -21.93 25.70 13.91
C GLY A 175 -21.19 24.43 14.24
N ASN A 176 -21.91 23.34 14.50
CA ASN A 176 -21.27 22.06 14.84
C ASN A 176 -22.32 20.98 14.68
N SER A 177 -21.90 19.86 14.07
CA SER A 177 -22.77 18.78 13.62
C SER A 177 -22.88 17.65 14.63
N ALA A 178 -22.12 17.69 15.71
CA ALA A 178 -22.13 16.62 16.70
C ALA A 178 -23.41 16.64 17.54
N VAL A 179 -23.89 15.44 17.88
CA VAL A 179 -25.04 15.27 18.75
C VAL A 179 -24.58 14.70 20.08
N TYR A 180 -24.74 15.46 21.16
CA TYR A 180 -24.27 15.06 22.47
C TYR A 180 -25.41 14.51 23.33
N ASP A 181 -25.05 13.66 24.30
CA ASP A 181 -26.04 13.00 25.17
C ASP A 181 -26.58 13.93 26.26
N SER A 182 -25.90 15.03 26.56
CA SER A 182 -26.35 15.92 27.62
C SER A 182 -25.82 17.32 27.34
N ARG A 183 -26.47 18.32 27.95
CA ARG A 183 -26.02 19.69 27.80
C ARG A 183 -24.63 19.90 28.39
N ALA A 184 -24.30 19.18 29.48
CA ALA A 184 -22.96 19.29 30.06
C ALA A 184 -21.90 18.85 29.07
N ASP A 185 -22.14 17.72 28.40
CA ASP A 185 -21.25 17.26 27.34
C ASP A 185 -21.03 18.33 26.28
N ALA A 186 -22.12 18.84 25.69
CA ALA A 186 -22.01 19.91 24.70
C ALA A 186 -21.37 21.17 25.29
N PHE A 187 -21.72 21.49 26.54
CA PHE A 187 -21.14 22.68 27.19
C PHE A 187 -19.63 22.52 27.34
N ARG A 188 -19.19 21.32 27.75
CA ARG A 188 -17.77 21.08 27.91
C ARG A 188 -17.06 21.00 26.58
N ALA A 189 -17.75 20.53 25.52
CA ALA A 189 -17.18 20.61 24.19
C ALA A 189 -16.82 22.04 23.82
N ALA A 190 -17.73 22.98 24.11
CA ALA A 190 -17.52 24.35 23.67
C ALA A 190 -16.50 25.09 24.52
N PHE A 191 -16.39 24.76 25.79
CA PHE A 191 -15.50 25.46 26.71
C PHE A 191 -14.46 24.53 27.30
N GLY A 192 -13.98 23.60 26.48
CA GLY A 192 -12.98 22.64 26.90
C GLY A 192 -12.04 22.35 25.75
N VAL A 193 -11.04 21.51 26.03
CA VAL A 193 -10.10 21.13 24.99
C VAL A 193 -10.82 20.27 23.96
N ALA A 194 -10.58 20.53 22.69
CA ALA A 194 -11.17 19.72 21.63
C ALA A 194 -10.26 19.84 20.44
N LEU A 195 -10.20 18.74 19.67
CA LEU A 195 -9.43 18.71 18.43
C LEU A 195 -7.94 18.86 18.70
N ALA A 196 -7.17 19.13 17.64
CA ALA A 196 -5.75 19.37 17.80
C ALA A 196 -5.22 20.20 16.63
N ASP A 197 -5.78 21.38 16.41
CA ASP A 197 -5.42 22.14 15.23
C ASP A 197 -4.31 23.14 15.46
N ALA A 198 -3.74 23.22 16.66
CA ALA A 198 -2.55 24.04 16.81
C ALA A 198 -1.33 23.20 16.43
N HIS A 199 -0.36 23.85 15.80
CA HIS A 199 0.79 23.18 15.22
C HIS A 199 2.05 23.92 15.66
N TRP A 200 2.74 23.38 16.65
CA TRP A 200 4.04 23.93 17.06
C TRP A 200 5.08 23.40 16.09
N VAL A 201 5.50 24.26 15.16
CA VAL A 201 6.22 23.81 13.97
C VAL A 201 7.71 24.16 13.99
N ASP A 202 8.14 25.12 14.80
CA ASP A 202 9.56 25.24 15.15
C ASP A 202 9.66 25.87 16.55
N LYS A 203 10.88 26.14 17.00
CA LYS A 203 11.07 26.62 18.37
C LYS A 203 10.16 27.81 18.66
N THR A 204 10.22 28.84 17.83
CA THR A 204 9.58 30.13 18.11
C THR A 204 8.22 30.35 17.42
N THR A 205 7.67 29.39 16.67
CA THR A 205 6.42 29.64 15.93
C THR A 205 5.37 28.55 16.16
N LEU A 206 4.12 29.00 16.31
CA LEU A 206 2.97 28.13 16.56
C LEU A 206 1.84 28.49 15.60
N LEU A 207 1.53 27.60 14.66
CA LEU A 207 0.44 27.80 13.73
C LEU A 207 -0.88 27.32 14.33
N TRP A 208 -1.87 28.20 14.38
CA TRP A 208 -3.16 27.85 14.95
C TRP A 208 -4.17 28.79 14.34
N PRO A 209 -5.35 28.31 13.94
CA PRO A 209 -6.43 29.23 13.60
C PRO A 209 -7.21 29.70 14.81
N GLY A 210 -7.55 28.79 15.74
CA GLY A 210 -8.40 29.09 16.88
C GLY A 210 -8.07 30.34 17.70
N GLY A 211 -6.96 31.00 17.38
CA GLY A 211 -6.62 32.24 18.03
C GLY A 211 -6.22 33.42 17.16
N GLU A 212 -6.65 33.46 15.90
CA GLU A 212 -6.31 34.56 14.98
C GLU A 212 -7.13 35.81 15.27
N ASN A 213 -6.44 36.90 15.67
CA ASN A 213 -7.11 38.17 15.97
C ASN A 213 -7.95 38.05 17.25
N LYS A 214 -7.42 37.32 18.24
CA LYS A 214 -8.03 37.20 19.56
C LYS A 214 -7.08 37.81 20.59
N PRO A 215 -7.61 38.51 21.60
CA PRO A 215 -6.71 39.31 22.46
C PRO A 215 -5.72 38.47 23.25
N ILE A 216 -6.14 37.30 23.73
CA ILE A 216 -5.30 36.46 24.56
C ILE A 216 -5.09 35.12 23.84
N VAL A 217 -3.84 34.80 23.54
CA VAL A 217 -3.50 33.54 22.87
C VAL A 217 -2.22 32.98 23.46
N ARG A 218 -2.22 31.68 23.76
CA ARG A 218 -1.38 31.19 24.85
C ARG A 218 -1.08 29.69 24.74
N LEU A 219 0.19 29.34 24.95
CA LEU A 219 0.62 27.93 24.99
C LEU A 219 0.76 27.49 26.45
N TYR A 220 -0.29 26.87 26.99
CA TYR A 220 -0.27 26.26 28.31
C TYR A 220 0.41 24.88 28.28
N TYR A 221 0.88 24.44 29.44
CA TYR A 221 1.56 23.16 29.54
C TYR A 221 1.50 22.65 30.96
N SER A 222 1.33 21.34 31.09
CA SER A 222 1.31 20.63 32.35
C SER A 222 2.18 19.38 32.22
N HIS A 223 3.11 19.21 33.16
CA HIS A 223 4.02 18.08 33.10
C HIS A 223 3.30 16.76 33.32
N SER A 224 2.36 16.72 34.27
CA SER A 224 1.90 15.47 34.84
C SER A 224 0.38 15.30 34.88
N SER A 225 -0.40 16.31 34.48
CA SER A 225 -1.83 16.13 34.39
C SER A 225 -2.36 16.82 33.14
N LYS A 226 -3.65 16.63 32.88
CA LYS A 226 -4.29 17.24 31.71
C LYS A 226 -4.75 18.65 32.05
N VAL A 227 -4.33 19.62 31.24
CA VAL A 227 -4.70 21.02 31.41
C VAL A 227 -6.22 21.14 31.47
N ALA A 228 -6.79 20.91 32.65
CA ALA A 228 -8.19 21.16 32.94
C ALA A 228 -8.29 22.37 33.86
N ALA A 229 -9.34 23.17 33.68
CA ALA A 229 -9.56 24.30 34.57
C ALA A 229 -9.60 23.83 36.02
N ASP A 230 -9.07 24.64 36.93
CA ASP A 230 -9.04 24.23 38.32
C ASP A 230 -10.42 24.44 38.94
N SER A 231 -10.49 24.34 40.28
CA SER A 231 -11.79 24.34 40.95
C SER A 231 -12.44 25.72 40.93
N ASN A 232 -11.67 26.78 40.74
CA ASN A 232 -12.20 28.12 40.57
C ASN A 232 -12.51 28.45 39.12
N GLY A 233 -12.79 27.42 38.32
CA GLY A 233 -13.02 27.53 36.89
C GLY A 233 -11.89 28.22 36.18
N GLU A 234 -10.69 28.20 36.77
CA GLU A 234 -9.56 28.93 36.20
C GLU A 234 -8.54 27.99 35.60
N PHE A 235 -7.88 28.48 34.56
CA PHE A 235 -6.78 27.77 33.91
C PHE A 235 -5.51 28.35 34.50
N SER A 236 -5.00 27.69 35.54
CA SER A 236 -3.92 28.23 36.35
C SER A 236 -2.60 27.50 36.13
N ASP A 237 -2.54 26.60 35.15
CA ASP A 237 -1.28 25.95 34.84
C ASP A 237 -0.31 26.93 34.20
N LYS A 238 0.96 26.53 34.18
CA LYS A 238 2.03 27.34 33.61
C LYS A 238 1.80 27.59 32.12
N TYR A 239 2.46 28.62 31.60
CA TYR A 239 2.23 28.93 30.19
C TYR A 239 3.31 29.80 29.57
N VAL A 240 3.26 29.85 28.22
CA VAL A 240 4.03 30.73 27.35
C VAL A 240 3.07 31.62 26.55
N LYS A 241 3.52 32.85 26.22
CA LYS A 241 2.70 33.89 25.59
C LYS A 241 3.00 34.05 24.12
N LEU A 242 1.93 34.12 23.32
CA LEU A 242 2.04 34.15 21.88
C LEU A 242 1.44 35.45 21.36
N THR A 243 2.21 36.15 20.54
CA THR A 243 1.80 37.39 19.90
C THR A 243 1.80 37.20 18.39
N PRO A 244 0.75 37.64 17.70
CA PRO A 244 0.64 37.36 16.26
C PRO A 244 1.91 37.71 15.48
N THR A 245 2.22 36.89 14.47
CA THR A 245 3.42 37.11 13.67
C THR A 245 3.17 36.64 12.24
N THR A 246 4.25 36.63 11.45
CA THR A 246 4.21 36.31 10.03
C THR A 246 5.02 35.05 9.80
N VAL A 247 4.41 34.07 9.09
CA VAL A 247 5.03 32.77 8.92
C VAL A 247 6.41 32.92 8.30
N ASN A 248 7.36 32.15 8.82
CA ASN A 248 8.69 32.14 8.22
C ASN A 248 8.55 31.76 6.74
N GLN A 249 9.52 32.19 5.95
CA GLN A 249 9.58 31.66 4.60
C GLN A 249 10.14 30.23 4.60
N GLN A 250 10.89 29.86 5.65
CA GLN A 250 11.31 28.48 5.81
C GLN A 250 10.25 27.60 6.46
N VAL A 251 9.31 28.18 7.20
CA VAL A 251 8.22 27.38 7.76
C VAL A 251 7.20 27.02 6.69
N SER A 252 6.86 27.98 5.82
CA SER A 252 5.93 27.72 4.72
C SER A 252 6.53 26.75 3.72
N MET A 253 7.81 26.89 3.43
CA MET A 253 8.54 25.94 2.61
C MET A 253 8.60 24.57 3.26
N ARG A 254 8.48 24.50 4.60
CA ARG A 254 8.49 23.20 5.26
C ARG A 254 7.09 22.61 5.36
N PHE A 255 6.10 23.40 5.77
CA PHE A 255 4.71 22.92 5.92
C PHE A 255 3.76 23.72 5.04
N PRO A 256 3.85 23.57 3.71
CA PRO A 256 2.99 24.37 2.81
C PRO A 256 1.50 24.14 3.00
N HIS A 257 1.09 22.98 3.51
CA HIS A 257 -0.32 22.79 3.80
C HIS A 257 -0.76 23.56 5.03
N LEU A 258 0.18 24.27 5.67
CA LEU A 258 -0.15 25.09 6.83
C LEU A 258 0.10 26.57 6.61
N ALA A 259 0.79 26.95 5.53
CA ALA A 259 1.21 28.35 5.36
C ALA A 259 0.07 29.35 5.48
N SER A 260 -1.18 28.95 5.24
CA SER A 260 -2.31 29.82 5.45
C SER A 260 -2.82 29.76 6.89
N TYR A 261 -2.06 29.19 7.78
CA TYR A 261 -2.49 29.23 9.17
C TYR A 261 -2.08 30.57 9.80
N PRO A 262 -2.90 31.11 10.69
CA PRO A 262 -2.49 32.31 11.44
C PRO A 262 -1.27 32.00 12.30
N ALA A 263 -0.23 32.81 12.16
CA ALA A 263 1.05 32.57 12.83
C ALA A 263 1.14 33.30 14.19
N PHE A 264 1.99 32.76 15.06
CA PHE A 264 2.20 33.28 16.41
C PHE A 264 3.64 33.01 16.83
N LYS A 265 4.15 33.89 17.69
CA LYS A 265 5.54 33.84 18.11
C LYS A 265 5.65 33.45 19.59
N LEU A 266 6.74 32.77 19.92
CA LEU A 266 7.15 32.38 21.25
C LEU A 266 8.42 33.14 21.66
N PRO A 267 8.57 33.44 22.94
CA PRO A 267 9.79 34.12 23.42
C PRO A 267 11.04 33.39 22.97
N ASP A 268 12.03 34.14 22.49
CA ASP A 268 13.24 33.54 21.93
C ASP A 268 14.06 32.74 22.95
N ASP A 269 13.42 32.32 24.04
CA ASP A 269 14.12 31.67 25.14
C ASP A 269 13.30 30.58 25.81
N VAL A 270 12.16 30.18 25.23
CA VAL A 270 11.32 29.14 25.81
C VAL A 270 12.17 27.91 26.06
N ASN A 271 11.86 27.18 27.13
CA ASN A 271 12.50 25.90 27.40
C ASN A 271 11.64 24.81 26.75
N VAL A 272 11.86 24.61 25.45
CA VAL A 272 11.07 23.62 24.73
C VAL A 272 11.19 22.24 25.38
N ASP A 273 12.41 21.89 25.83
CA ASP A 273 12.62 20.61 26.50
C ASP A 273 11.59 20.36 27.59
N GLU A 274 11.19 21.42 28.32
CA GLU A 274 10.29 21.21 29.46
C GLU A 274 8.83 21.17 29.04
N LEU A 275 8.41 22.03 28.11
CA LEU A 275 7.02 22.01 27.65
C LEU A 275 6.68 20.69 26.99
N LEU A 276 7.60 20.15 26.19
CA LEU A 276 7.36 18.90 25.47
C LEU A 276 7.46 17.67 26.35
N GLN A 277 7.65 17.83 27.66
CA GLN A 277 7.66 16.69 28.57
C GLN A 277 6.25 16.24 28.92
N GLY A 278 5.24 17.09 28.74
CA GLY A 278 3.90 16.73 29.15
C GLY A 278 2.85 17.13 28.13
N GLU A 279 1.64 17.38 28.59
CA GLU A 279 0.61 17.91 27.72
C GLU A 279 0.84 19.39 27.44
N THR A 280 0.75 19.80 26.18
CA THR A 280 0.63 21.20 25.81
C THR A 280 -0.75 21.44 25.20
N VAL A 281 -1.37 22.57 25.55
CA VAL A 281 -2.69 22.95 25.07
C VAL A 281 -2.66 24.43 24.71
N ALA A 282 -2.81 24.76 23.43
CA ALA A 282 -2.98 26.15 23.04
C ALA A 282 -4.37 26.64 23.39
N ILE A 283 -4.44 27.83 24.00
CA ILE A 283 -5.67 28.39 24.55
C ILE A 283 -5.85 29.83 24.07
N ALA A 284 -7.12 30.21 23.87
CA ALA A 284 -7.48 31.57 23.50
C ALA A 284 -8.77 31.95 24.22
N ALA A 285 -9.02 33.26 24.33
CA ALA A 285 -10.25 33.76 24.91
C ALA A 285 -10.38 35.24 24.56
N GLU A 286 -11.36 35.91 25.19
CA GLU A 286 -11.54 37.32 24.87
C GLU A 286 -10.90 38.19 25.94
N SER A 287 -11.21 39.50 25.91
CA SER A 287 -10.55 40.44 26.81
C SER A 287 -10.91 40.19 28.27
N ASP A 288 -12.17 39.81 28.55
CA ASP A 288 -12.55 39.53 29.94
C ASP A 288 -11.80 38.32 30.48
N GLY A 289 -11.48 37.36 29.61
CA GLY A 289 -10.81 36.14 30.02
C GLY A 289 -11.67 34.91 29.91
N ILE A 290 -12.95 35.05 29.57
CA ILE A 290 -13.77 33.89 29.28
C ILE A 290 -13.19 33.15 28.09
N LEU A 291 -12.96 31.84 28.26
CA LEU A 291 -12.33 31.00 27.25
C LEU A 291 -13.08 31.03 25.92
N SER A 292 -12.36 31.23 24.82
CA SER A 292 -13.00 31.08 23.50
C SER A 292 -12.84 29.66 22.94
N SER A 293 -11.59 29.17 22.80
CA SER A 293 -11.36 27.78 22.45
C SER A 293 -10.08 27.27 23.10
N ALA A 294 -9.91 25.94 23.07
CA ALA A 294 -8.67 25.31 23.53
C ALA A 294 -8.50 23.97 22.81
N THR A 295 -7.29 23.73 22.30
CA THR A 295 -7.01 22.56 21.49
C THR A 295 -5.63 21.99 21.81
N GLN A 296 -5.41 20.72 21.44
CA GLN A 296 -4.10 20.09 21.63
C GLN A 296 -3.15 20.48 20.52
N VAL A 297 -1.88 20.25 20.77
CA VAL A 297 -0.80 20.75 19.93
C VAL A 297 -0.12 19.57 19.25
N GLN A 298 0.16 19.74 17.97
CA GLN A 298 0.99 18.80 17.22
C GLN A 298 2.40 19.37 17.17
N THR A 299 3.38 18.54 17.51
CA THR A 299 4.72 19.03 17.84
C THR A 299 5.81 18.43 16.97
N ALA A 300 5.48 17.66 15.93
CA ALA A 300 6.52 17.06 15.11
C ALA A 300 7.42 18.12 14.50
N GLY A 301 6.85 19.26 14.13
CA GLY A 301 7.62 20.34 13.57
C GLY A 301 8.69 20.81 14.53
N VAL A 302 8.31 21.23 15.73
CA VAL A 302 9.30 21.72 16.69
C VAL A 302 10.27 20.61 17.07
N LEU A 303 9.78 19.37 17.22
CA LEU A 303 10.66 18.27 17.60
C LEU A 303 11.80 18.13 16.62
N ASP A 304 11.51 18.29 15.32
CA ASP A 304 12.54 18.22 14.29
C ASP A 304 13.45 19.45 14.32
N ASP A 305 12.85 20.64 14.46
CA ASP A 305 13.68 21.84 14.61
C ASP A 305 14.62 21.71 15.80
N THR A 306 14.10 21.25 16.95
CA THR A 306 14.90 21.20 18.17
C THR A 306 15.94 20.09 18.15
N TYR A 307 15.55 18.87 17.80
CA TYR A 307 16.37 17.69 18.10
C TYR A 307 16.99 17.00 16.89
N ALA A 308 16.43 17.15 15.70
CA ALA A 308 16.75 16.20 14.63
C ALA A 308 18.20 16.35 14.18
N ALA A 309 18.71 17.58 14.17
CA ALA A 309 20.10 17.78 13.74
C ALA A 309 21.04 16.98 14.63
N ALA A 310 20.84 17.06 15.95
CA ALA A 310 21.68 16.27 16.85
C ALA A 310 21.38 14.78 16.75
N ALA A 311 20.09 14.41 16.74
CA ALA A 311 19.69 13.01 16.74
C ALA A 311 20.10 12.26 15.47
N GLU A 312 20.14 12.93 14.31
CA GLU A 312 20.56 12.23 13.10
C GLU A 312 22.01 11.77 13.14
N ALA A 313 22.84 12.37 14.00
CA ALA A 313 24.23 11.94 14.02
C ALA A 313 24.45 10.65 14.80
N LEU A 314 23.45 10.17 15.53
CA LEU A 314 23.60 9.00 16.39
C LEU A 314 23.11 7.75 15.68
N SER A 315 23.55 6.60 16.18
CA SER A 315 23.03 5.31 15.76
C SER A 315 22.15 4.74 16.87
N TYR A 316 21.19 3.90 16.48
CA TYR A 316 20.09 3.51 17.38
C TYR A 316 19.95 2.00 17.49
N GLY A 317 19.18 1.57 18.47
CA GLY A 317 19.05 0.15 18.73
C GLY A 317 20.14 -0.35 19.64
N ALA A 318 20.20 -1.68 19.76
CA ALA A 318 21.15 -2.37 20.63
C ALA A 318 22.41 -2.71 19.81
N GLN A 319 23.50 -1.98 20.04
CA GLN A 319 24.65 -2.00 19.15
C GLN A 319 25.87 -2.61 19.84
N LEU A 320 26.42 -3.65 19.25
CA LEU A 320 27.64 -4.26 19.78
C LEU A 320 28.85 -3.44 19.37
N THR A 321 29.55 -2.91 20.36
CA THR A 321 30.80 -2.20 20.17
C THR A 321 31.95 -3.09 20.65
N ASP A 322 33.17 -2.58 20.51
CA ASP A 322 34.32 -3.34 20.99
C ASP A 322 34.35 -3.40 22.51
N SER A 323 33.81 -2.38 23.19
CA SER A 323 33.76 -2.34 24.66
C SER A 323 32.55 -3.05 25.25
N GLY A 324 31.46 -3.18 24.51
CA GLY A 324 30.27 -3.85 25.01
C GLY A 324 29.06 -3.69 24.12
N VAL A 325 27.90 -3.37 24.71
CA VAL A 325 26.67 -3.11 23.97
C VAL A 325 26.18 -1.72 24.34
N THR A 326 25.89 -0.90 23.32
CA THR A 326 25.27 0.40 23.52
C THR A 326 23.83 0.35 23.03
N PHE A 327 22.89 0.70 23.92
CA PHE A 327 21.48 0.81 23.62
C PHE A 327 21.13 2.28 23.39
N ARG A 328 20.33 2.56 22.36
CA ARG A 328 19.91 3.94 22.16
C ARG A 328 18.58 3.96 21.43
N VAL A 329 17.64 4.70 22.00
CA VAL A 329 16.31 4.89 21.43
C VAL A 329 16.04 6.39 21.39
N TRP A 330 15.37 6.84 20.34
CA TRP A 330 15.00 8.25 20.21
C TRP A 330 13.66 8.45 20.88
N ALA A 331 13.59 9.33 21.88
CA ALA A 331 12.37 9.54 22.66
C ALA A 331 12.38 10.95 23.25
N PRO A 332 12.32 11.98 22.39
CA PRO A 332 12.54 13.36 22.87
C PRO A 332 11.49 13.88 23.84
N THR A 333 10.33 13.25 23.97
CA THR A 333 9.31 13.77 24.88
C THR A 333 9.12 12.90 26.10
N ALA A 334 9.87 11.81 26.22
CA ALA A 334 9.64 10.87 27.29
C ALA A 334 10.16 11.46 28.59
N GLN A 335 9.39 11.24 29.66
CA GLN A 335 9.84 11.65 30.98
C GLN A 335 10.92 10.70 31.52
N GLN A 336 10.74 9.39 31.37
CA GLN A 336 11.76 8.41 31.72
C GLN A 336 11.83 7.33 30.64
N VAL A 337 13.02 6.81 30.40
CA VAL A 337 13.19 5.57 29.65
C VAL A 337 14.06 4.61 30.45
N GLU A 338 13.53 3.44 30.75
CA GLU A 338 14.23 2.41 31.50
C GLU A 338 14.47 1.21 30.58
N LEU A 339 15.73 0.77 30.48
CA LEU A 339 16.06 -0.42 29.69
C LEU A 339 15.88 -1.66 30.55
N VAL A 340 14.95 -2.52 30.14
CA VAL A 340 14.61 -3.74 30.86
C VAL A 340 15.22 -4.92 30.13
N ILE A 341 16.10 -5.65 30.84
CA ILE A 341 16.78 -6.84 30.33
C ILE A 341 16.01 -8.05 30.80
N TYR A 342 15.83 -9.02 29.90
CA TYR A 342 15.07 -10.24 30.18
C TYR A 342 15.94 -11.49 29.95
N SER A 343 15.70 -12.51 30.78
CA SER A 343 16.23 -13.84 30.54
C SER A 343 15.53 -14.50 29.34
N ALA A 344 16.10 -15.62 28.87
CA ALA A 344 15.48 -16.36 27.78
C ALA A 344 14.06 -16.81 28.13
N ASP A 345 13.79 -17.04 29.42
CA ASP A 345 12.44 -17.31 29.91
C ASP A 345 11.62 -16.06 30.13
N LYS A 346 12.10 -14.89 29.70
CA LYS A 346 11.37 -13.64 29.85
C LYS A 346 11.11 -13.29 31.32
N LYS A 347 12.14 -13.43 32.15
CA LYS A 347 12.14 -12.85 33.48
C LYS A 347 13.06 -11.64 33.48
N VAL A 348 12.60 -10.55 34.09
CA VAL A 348 13.44 -9.37 34.27
C VAL A 348 14.68 -9.76 35.06
N ILE A 349 15.85 -9.59 34.46
CA ILE A 349 17.11 -9.84 35.15
C ILE A 349 17.89 -8.56 35.40
N ALA A 350 17.46 -7.42 34.86
CA ALA A 350 18.06 -6.12 35.13
C ALA A 350 17.14 -5.04 34.61
N SER A 351 17.26 -3.85 35.19
CA SER A 351 16.50 -2.69 34.77
C SER A 351 17.37 -1.46 34.95
N HIS A 352 17.61 -0.70 33.88
CA HIS A 352 18.60 0.36 33.87
C HIS A 352 17.99 1.67 33.41
N PRO A 353 17.80 2.65 34.30
CA PRO A 353 17.43 3.99 33.85
C PRO A 353 18.44 4.47 32.83
N MET A 354 17.95 5.01 31.72
CA MET A 354 18.85 5.39 30.63
C MET A 354 19.26 6.86 30.77
N THR A 355 20.28 7.22 30.03
CA THR A 355 20.86 8.57 30.07
C THR A 355 20.25 9.39 28.95
N ARG A 356 19.60 10.49 29.30
CA ARG A 356 19.06 11.39 28.29
C ARG A 356 20.14 12.34 27.80
N ASP A 357 20.29 12.42 26.46
CA ASP A 357 21.10 13.45 25.82
C ASP A 357 20.17 14.60 25.41
N SER A 358 20.36 15.77 26.04
CA SER A 358 19.41 16.87 25.89
C SER A 358 19.51 17.57 24.54
N ALA A 359 20.63 17.43 23.84
CA ALA A 359 20.72 17.95 22.48
C ALA A 359 19.81 17.16 21.54
N SER A 360 19.89 15.82 21.58
CA SER A 360 19.18 14.98 20.63
C SER A 360 17.83 14.48 21.12
N GLY A 361 17.57 14.49 22.44
CA GLY A 361 16.37 13.81 22.91
C GLY A 361 16.47 12.30 22.87
N ALA A 362 17.64 11.76 22.53
CA ALA A 362 17.91 10.32 22.56
C ALA A 362 18.36 9.86 23.95
N TRP A 363 18.06 8.60 24.24
CA TRP A 363 18.38 7.97 25.51
C TRP A 363 19.32 6.80 25.26
N SER A 364 20.37 6.70 26.06
CA SER A 364 21.43 5.71 25.85
C SER A 364 21.79 5.03 27.16
N TRP A 365 22.32 3.82 27.02
CA TRP A 365 22.88 3.09 28.15
C TRP A 365 23.91 2.13 27.59
N GLN A 366 24.98 1.90 28.34
CA GLN A 366 26.04 1.03 27.88
C GLN A 366 26.24 -0.09 28.90
N GLY A 367 26.41 -1.30 28.41
CA GLY A 367 26.56 -2.46 29.26
C GLY A 367 27.53 -3.46 28.68
N GLY A 368 27.62 -4.64 29.31
CA GLY A 368 28.64 -5.58 28.92
C GLY A 368 28.33 -6.29 27.62
N SER A 369 29.40 -6.80 27.00
CA SER A 369 29.33 -7.62 25.79
C SER A 369 28.55 -8.91 26.00
N ASP A 370 28.38 -9.36 27.25
CA ASP A 370 27.61 -10.56 27.55
C ASP A 370 26.12 -10.35 27.36
N LEU A 371 25.68 -9.13 27.09
CA LEU A 371 24.28 -8.88 26.77
C LEU A 371 23.91 -9.31 25.35
N LYS A 372 24.87 -9.70 24.52
CA LYS A 372 24.55 -10.28 23.21
C LYS A 372 23.65 -11.48 23.43
N GLY A 373 22.54 -11.54 22.68
CA GLY A 373 21.55 -12.58 22.85
C GLY A 373 20.45 -12.26 23.84
N ALA A 374 20.61 -11.23 24.66
CA ALA A 374 19.62 -10.94 25.69
C ALA A 374 18.36 -10.33 25.08
N PHE A 375 17.22 -10.65 25.69
CA PHE A 375 15.96 -10.00 25.35
C PHE A 375 15.79 -8.70 26.13
N TYR A 376 15.14 -7.73 25.49
CA TYR A 376 15.03 -6.41 26.08
C TYR A 376 13.82 -5.68 25.55
N ARG A 377 13.32 -4.76 26.38
CA ARG A 377 12.32 -3.78 25.99
C ARG A 377 12.68 -2.44 26.63
N TYR A 378 12.11 -1.37 26.09
CA TYR A 378 12.20 -0.04 26.67
C TYR A 378 10.94 0.20 27.49
N ALA A 379 11.11 0.40 28.81
CA ALA A 379 10.03 0.80 29.70
C ALA A 379 9.88 2.30 29.64
N MET A 380 8.79 2.76 29.03
CA MET A 380 8.58 4.18 28.73
C MET A 380 7.68 4.82 29.77
N THR A 381 8.00 6.07 30.13
CA THR A 381 7.09 6.97 30.83
C THR A 381 6.91 8.20 29.94
N VAL A 382 5.77 8.29 29.25
CA VAL A 382 5.66 9.29 28.19
C VAL A 382 4.21 9.73 28.03
N TYR A 383 4.02 11.02 27.85
CA TYR A 383 2.70 11.54 27.58
C TYR A 383 2.26 11.18 26.15
N HIS A 384 1.05 10.63 26.02
CA HIS A 384 0.49 10.36 24.70
C HIS A 384 -0.72 11.24 24.47
N PRO A 385 -0.69 12.11 23.46
CA PRO A 385 -1.81 13.04 23.25
C PRO A 385 -3.13 12.35 22.95
N GLN A 386 -3.13 11.14 22.39
CA GLN A 386 -4.40 10.50 22.10
C GLN A 386 -5.17 10.21 23.38
N SER A 387 -4.52 9.56 24.35
CA SER A 387 -5.17 9.28 25.62
C SER A 387 -5.11 10.44 26.60
N ARG A 388 -4.29 11.46 26.31
CA ARG A 388 -4.03 12.57 27.24
C ARG A 388 -3.60 12.06 28.61
N LYS A 389 -2.84 10.96 28.64
CA LYS A 389 -2.27 10.44 29.88
C LYS A 389 -0.77 10.29 29.72
N VAL A 390 -0.06 10.44 30.83
CA VAL A 390 1.33 10.02 30.93
C VAL A 390 1.30 8.49 31.01
N GLU A 391 1.67 7.83 29.92
CA GLU A 391 1.51 6.38 29.81
C GLU A 391 2.73 5.65 30.36
N GLN A 392 2.52 4.43 30.84
CA GLN A 392 3.63 3.57 31.25
C GLN A 392 3.49 2.19 30.62
N TYR A 393 4.43 1.84 29.78
CA TYR A 393 4.38 0.57 29.07
C TYR A 393 5.76 0.25 28.52
N GLU A 394 5.98 -1.04 28.26
CA GLU A 394 7.22 -1.53 27.68
C GLU A 394 7.03 -1.73 26.18
N VAL A 395 8.02 -1.29 25.41
CA VAL A 395 7.92 -1.31 23.95
C VAL A 395 9.17 -1.95 23.38
N THR A 396 8.99 -2.76 22.33
CA THR A 396 10.12 -3.30 21.59
C THR A 396 10.89 -2.18 20.88
N ASP A 397 12.10 -2.51 20.45
CA ASP A 397 12.97 -1.53 19.81
C ASP A 397 12.50 -1.26 18.37
N PRO A 398 12.21 -0.02 18.00
CA PRO A 398 11.93 0.24 16.58
C PRO A 398 13.12 -0.08 15.70
N TYR A 399 14.34 0.00 16.22
CA TYR A 399 15.51 -0.46 15.51
C TYR A 399 15.88 -1.91 15.83
N ALA A 400 14.93 -2.71 16.30
CA ALA A 400 15.21 -4.11 16.59
C ALA A 400 15.79 -4.82 15.37
N HIS A 401 16.78 -5.69 15.61
CA HIS A 401 17.31 -6.54 14.56
C HIS A 401 17.15 -8.02 14.85
N SER A 402 16.66 -8.37 16.04
CA SER A 402 16.26 -9.73 16.36
C SER A 402 15.03 -9.65 17.26
N LEU A 403 14.21 -10.69 17.22
CA LEU A 403 12.97 -10.68 17.99
C LEU A 403 12.73 -12.05 18.61
N SER A 404 11.93 -12.05 19.69
CA SER A 404 11.38 -13.29 20.21
C SER A 404 10.16 -13.69 19.36
N THR A 405 9.57 -14.84 19.71
CA THR A 405 8.40 -15.33 18.99
C THR A 405 7.26 -14.32 19.05
N ASN A 406 6.71 -13.98 17.89
CA ASN A 406 5.61 -13.03 17.77
C ASN A 406 6.02 -11.60 18.14
N SER A 407 7.33 -11.32 18.15
CA SER A 407 7.83 -9.95 18.27
C SER A 407 7.54 -9.34 19.64
N GLU A 408 7.38 -10.18 20.67
CA GLU A 408 7.04 -9.64 21.99
C GLU A 408 8.24 -8.93 22.63
N TYR A 409 9.45 -9.44 22.42
CA TYR A 409 10.65 -8.82 22.98
C TYR A 409 11.64 -8.59 21.86
N SER A 410 12.35 -7.48 21.92
CA SER A 410 13.48 -7.39 21.01
C SER A 410 14.70 -8.05 21.64
N GLN A 411 15.73 -8.29 20.83
CA GLN A 411 16.86 -9.13 21.23
C GLN A 411 18.14 -8.55 20.68
N VAL A 412 19.17 -8.49 21.54
CA VAL A 412 20.45 -7.95 21.12
C VAL A 412 21.11 -8.93 20.17
N VAL A 413 21.63 -8.42 19.06
CA VAL A 413 22.22 -9.29 18.05
C VAL A 413 23.35 -8.55 17.35
N ASP A 414 24.37 -9.30 16.96
CA ASP A 414 25.44 -8.81 16.10
C ASP A 414 25.27 -9.49 14.73
N LEU A 415 24.64 -8.78 13.79
CA LEU A 415 24.33 -9.42 12.51
C LEU A 415 25.58 -9.95 11.81
N ASN A 416 26.77 -9.47 12.17
CA ASN A 416 28.01 -9.92 11.56
C ASN A 416 28.54 -11.25 12.09
N ASP A 417 27.99 -11.78 13.18
CA ASP A 417 28.44 -13.08 13.71
C ASP A 417 28.42 -14.14 12.64
N SER A 418 29.55 -14.85 12.49
CA SER A 418 29.56 -15.95 11.52
C SER A 418 28.57 -17.04 11.90
N ALA A 419 28.14 -17.09 13.16
CA ALA A 419 27.11 -18.04 13.58
C ALA A 419 25.77 -17.77 12.88
N LEU A 420 25.50 -16.51 12.51
CA LEU A 420 24.26 -16.16 11.84
C LEU A 420 24.40 -16.16 10.31
N LYS A 421 25.47 -16.76 9.78
CA LYS A 421 25.73 -16.74 8.36
C LYS A 421 25.79 -18.15 7.81
N PRO A 422 25.18 -18.42 6.64
CA PRO A 422 25.51 -19.66 5.94
C PRO A 422 26.97 -19.65 5.52
N GLU A 423 27.55 -20.84 5.39
CA GLU A 423 28.91 -20.94 4.91
C GLU A 423 29.05 -20.30 3.53
N GLY A 424 30.05 -19.43 3.38
CA GLY A 424 30.29 -18.70 2.15
C GLY A 424 29.60 -17.35 2.04
N TRP A 425 28.73 -17.00 3.00
CA TRP A 425 27.93 -15.78 2.92
C TRP A 425 28.73 -14.55 2.49
N ASP A 426 29.91 -14.34 3.08
CA ASP A 426 30.60 -13.06 2.90
C ASP A 426 31.05 -12.84 1.46
N GLY A 427 31.14 -13.89 0.66
CA GLY A 427 31.51 -13.77 -0.74
C GLY A 427 30.37 -13.91 -1.71
N LEU A 428 29.13 -13.97 -1.24
CA LEU A 428 27.97 -14.11 -2.11
C LEU A 428 27.88 -12.93 -3.06
N THR A 429 27.84 -13.23 -4.35
CA THR A 429 27.82 -12.19 -5.36
C THR A 429 26.49 -12.15 -6.09
N MET A 430 26.20 -10.98 -6.62
CA MET A 430 25.05 -10.64 -7.46
C MET A 430 25.14 -11.33 -8.82
N PRO A 431 24.32 -12.35 -9.10
CA PRO A 431 24.46 -13.08 -10.38
C PRO A 431 24.05 -12.27 -11.61
N HIS A 432 23.36 -11.15 -11.46
CA HIS A 432 22.98 -10.29 -12.58
C HIS A 432 23.43 -8.88 -12.28
N ALA A 433 24.16 -8.28 -13.23
CA ALA A 433 24.61 -6.90 -13.08
C ALA A 433 23.41 -5.95 -13.07
N GLN A 434 23.57 -4.86 -12.31
CA GLN A 434 22.62 -3.76 -12.25
C GLN A 434 23.36 -2.42 -12.37
N LYS A 435 24.53 -2.43 -13.01
CA LYS A 435 25.39 -1.26 -13.02
C LYS A 435 24.91 -0.21 -14.04
N THR A 436 24.77 -0.61 -15.28
CA THR A 436 24.32 0.30 -16.33
C THR A 436 22.81 0.21 -16.55
N LYS A 437 22.31 1.13 -17.37
CA LYS A 437 20.88 1.09 -17.71
C LYS A 437 20.55 -0.12 -18.58
N ALA A 438 21.50 -0.57 -19.42
CA ALA A 438 21.32 -1.81 -20.16
C ALA A 438 21.40 -3.02 -19.23
N ASP A 439 22.12 -2.91 -18.12
CA ASP A 439 22.02 -3.92 -17.08
C ASP A 439 20.61 -3.93 -16.49
N LEU A 440 20.12 -2.77 -16.10
CA LEU A 440 18.83 -2.65 -15.42
C LEU A 440 17.67 -3.07 -16.31
N ALA A 441 17.70 -2.66 -17.59
CA ALA A 441 16.60 -3.00 -18.48
C ALA A 441 16.45 -4.50 -18.62
N LYS A 442 17.54 -5.26 -18.52
CA LYS A 442 17.48 -6.72 -18.59
C LYS A 442 16.70 -7.35 -17.43
N MET A 443 16.33 -6.58 -16.42
CA MET A 443 15.71 -7.12 -15.22
C MET A 443 14.34 -7.71 -15.55
N THR A 444 14.12 -8.96 -15.14
CA THR A 444 12.90 -9.70 -15.45
C THR A 444 12.42 -10.32 -14.14
N ILE A 445 11.35 -9.74 -13.53
CA ILE A 445 11.03 -9.98 -12.12
C ILE A 445 9.91 -11.00 -11.99
N HIS A 446 10.04 -11.87 -10.98
CA HIS A 446 9.10 -12.93 -10.66
C HIS A 446 8.61 -12.72 -9.22
N GLU A 447 7.44 -12.10 -9.08
CA GLU A 447 6.95 -11.61 -7.80
C GLU A 447 6.32 -12.75 -6.99
N SER A 448 6.92 -13.11 -5.86
CA SER A 448 6.60 -14.35 -5.17
C SER A 448 6.30 -14.12 -3.70
N HIS A 449 5.75 -15.14 -3.07
CA HIS A 449 5.31 -15.13 -1.68
C HIS A 449 5.79 -16.44 -1.03
N ILE A 450 6.19 -16.38 0.25
CA ILE A 450 6.82 -17.54 0.88
C ILE A 450 5.87 -18.74 0.90
N ARG A 451 4.60 -18.52 1.22
CA ARG A 451 3.69 -19.67 1.23
C ARG A 451 3.23 -20.04 -0.18
N ASP A 452 2.90 -19.04 -1.01
CA ASP A 452 2.53 -19.34 -2.39
C ASP A 452 3.57 -20.22 -3.07
N LEU A 453 4.85 -20.09 -2.66
CA LEU A 453 5.88 -20.88 -3.32
C LEU A 453 5.80 -22.35 -2.93
N SER A 454 5.57 -22.65 -1.65
CA SER A 454 5.86 -24.00 -1.18
C SER A 454 4.78 -24.64 -0.35
N ALA A 455 3.71 -23.93 0.00
CA ALA A 455 2.71 -24.49 0.91
C ALA A 455 2.08 -25.75 0.34
N TRP A 456 2.01 -25.88 -0.99
CA TRP A 456 1.30 -26.97 -1.63
C TRP A 456 2.22 -28.05 -2.18
N ASP A 457 3.53 -27.87 -2.12
CA ASP A 457 4.45 -28.75 -2.82
C ASP A 457 4.82 -29.90 -1.89
N GLN A 458 4.26 -31.08 -2.17
CA GLN A 458 4.58 -32.31 -1.45
C GLN A 458 6.03 -32.74 -1.67
N THR A 459 6.71 -32.23 -2.69
CA THR A 459 8.12 -32.54 -2.89
C THR A 459 9.05 -31.64 -2.08
N VAL A 460 8.51 -30.64 -1.39
CA VAL A 460 9.27 -29.91 -0.37
C VAL A 460 9.09 -30.68 0.93
N PRO A 461 10.16 -30.98 1.67
CA PRO A 461 10.01 -31.58 3.00
C PRO A 461 8.94 -30.86 3.81
N ALA A 462 8.17 -31.62 4.58
CA ALA A 462 6.99 -31.07 5.23
C ALA A 462 7.35 -29.91 6.14
N GLU A 463 8.47 -30.02 6.86
CA GLU A 463 8.82 -28.98 7.82
C GLU A 463 9.35 -27.72 7.14
N LEU A 464 9.64 -27.75 5.84
CA LEU A 464 10.11 -26.56 5.14
C LEU A 464 9.01 -25.89 4.33
N ARG A 465 7.79 -26.42 4.38
CA ARG A 465 6.71 -25.86 3.59
C ARG A 465 6.26 -24.52 4.18
N GLY A 466 6.10 -23.53 3.32
CA GLY A 466 5.81 -22.19 3.79
C GLY A 466 6.92 -21.52 4.57
N LYS A 467 8.17 -21.95 4.37
CA LYS A 467 9.33 -21.46 5.11
C LYS A 467 10.39 -20.92 4.15
N TYR A 468 11.25 -20.03 4.67
CA TYR A 468 12.37 -19.53 3.85
C TYR A 468 13.19 -20.67 3.24
N LEU A 469 13.37 -21.75 4.01
CA LEU A 469 14.30 -22.83 3.68
C LEU A 469 13.75 -23.76 2.60
N ALA A 470 12.50 -23.58 2.18
CA ALA A 470 11.99 -24.36 1.05
C ALA A 470 12.80 -24.10 -0.22
N LEU A 471 13.38 -22.90 -0.35
CA LEU A 471 14.21 -22.55 -1.49
C LEU A 471 15.52 -23.33 -1.51
N THR A 472 15.86 -24.05 -0.43
CA THR A 472 17.04 -24.89 -0.43
C THR A 472 16.72 -26.32 -0.82
N ALA A 473 15.43 -26.65 -1.03
CA ALA A 473 15.04 -28.03 -1.32
C ALA A 473 15.28 -28.31 -2.80
N GLN A 474 16.54 -28.60 -3.14
CA GLN A 474 17.00 -28.58 -4.51
C GLN A 474 16.29 -29.59 -5.41
N GLU A 475 15.69 -30.63 -4.86
CA GLU A 475 14.99 -31.58 -5.70
C GLU A 475 13.49 -31.37 -5.74
N SER A 476 12.97 -30.35 -5.07
CA SER A 476 11.53 -30.11 -5.10
C SER A 476 11.08 -29.66 -6.50
N ASN A 477 9.79 -29.89 -6.80
CA ASN A 477 9.22 -29.38 -8.05
C ASN A 477 9.32 -27.87 -8.12
N MET A 478 9.07 -27.18 -6.99
CA MET A 478 9.10 -25.73 -6.99
C MET A 478 10.48 -25.20 -7.34
N VAL A 479 11.52 -25.68 -6.65
CA VAL A 479 12.87 -25.20 -6.93
C VAL A 479 13.33 -25.60 -8.33
N GLN A 480 13.10 -26.87 -8.73
CA GLN A 480 13.47 -27.27 -10.10
C GLN A 480 12.80 -26.37 -11.13
N HIS A 481 11.53 -26.02 -10.90
CA HIS A 481 10.81 -25.18 -11.85
C HIS A 481 11.38 -23.75 -11.87
N LEU A 482 11.74 -23.21 -10.70
CA LEU A 482 12.35 -21.88 -10.67
C LEU A 482 13.70 -21.88 -11.34
N LYS A 483 14.50 -22.93 -11.14
CA LYS A 483 15.76 -23.07 -11.85
C LYS A 483 15.54 -23.05 -13.36
N GLN A 484 14.49 -23.73 -13.82
CA GLN A 484 14.14 -23.70 -15.24
C GLN A 484 13.83 -22.28 -15.69
N LEU A 485 13.07 -21.53 -14.89
CA LEU A 485 12.76 -20.15 -15.26
C LEU A 485 14.03 -19.32 -15.30
N SER A 486 14.92 -19.54 -14.34
CA SER A 486 16.14 -18.74 -14.30
C SER A 486 16.99 -18.98 -15.54
N ALA A 487 17.21 -20.24 -15.88
CA ALA A 487 18.00 -20.56 -17.06
C ALA A 487 17.39 -19.97 -18.33
N SER A 488 16.06 -19.83 -18.39
CA SER A 488 15.43 -19.26 -19.57
C SER A 488 15.35 -17.74 -19.55
N GLY A 489 15.78 -17.08 -18.47
CA GLY A 489 15.84 -15.64 -18.52
C GLY A 489 14.99 -14.90 -17.51
N VAL A 490 14.29 -15.55 -16.58
CA VAL A 490 13.87 -14.82 -15.38
C VAL A 490 15.10 -14.50 -14.54
N THR A 491 15.26 -13.24 -14.18
CA THR A 491 16.49 -12.78 -13.53
C THR A 491 16.36 -12.46 -12.05
N HIS A 492 15.16 -12.08 -11.58
CA HIS A 492 14.98 -11.59 -10.22
C HIS A 492 13.76 -12.25 -9.56
N ILE A 493 13.94 -12.69 -8.30
CA ILE A 493 12.80 -13.00 -7.43
C ILE A 493 12.48 -11.74 -6.66
N GLU A 494 11.21 -11.35 -6.63
CA GLU A 494 10.76 -10.29 -5.74
C GLU A 494 9.92 -10.95 -4.65
N LEU A 495 10.25 -10.64 -3.41
CA LEU A 495 9.63 -11.30 -2.25
C LEU A 495 8.59 -10.38 -1.64
N LEU A 496 7.33 -10.83 -1.62
CA LEU A 496 6.33 -10.17 -0.81
C LEU A 496 6.81 -10.16 0.64
N PRO A 497 6.28 -9.21 1.47
CA PRO A 497 6.83 -8.97 2.81
C PRO A 497 7.47 -10.12 3.58
N VAL A 498 8.79 -10.03 3.72
CA VAL A 498 9.54 -10.92 4.58
C VAL A 498 10.20 -10.19 5.75
N PHE A 499 9.99 -8.87 5.88
CA PHE A 499 10.19 -8.19 7.17
C PHE A 499 9.13 -8.65 8.16
N ASP A 500 9.28 -8.25 9.43
CA ASP A 500 8.38 -8.73 10.49
C ASP A 500 6.98 -8.14 10.29
N LEU A 501 6.06 -8.94 9.75
CA LEU A 501 4.68 -8.51 9.65
C LEU A 501 3.90 -8.86 10.93
N ALA A 502 2.73 -8.23 11.09
CA ALA A 502 1.95 -8.35 12.31
C ALA A 502 0.82 -9.39 12.26
N THR A 503 0.39 -9.81 11.07
CA THR A 503 -0.93 -10.44 10.88
C THR A 503 -0.90 -11.97 10.77
N VAL A 504 0.22 -12.61 11.12
CA VAL A 504 0.26 -14.05 11.36
C VAL A 504 0.75 -14.26 12.79
N ASN A 505 0.05 -15.09 13.55
CA ASN A 505 0.52 -15.45 14.88
C ASN A 505 1.71 -16.41 14.76
N GLU A 506 2.84 -16.02 15.34
CA GLU A 506 4.04 -16.82 15.24
C GLU A 506 4.12 -17.91 16.30
N PHE A 507 3.17 -17.95 17.24
CA PHE A 507 2.98 -19.10 18.12
C PHE A 507 2.21 -20.17 17.35
N SER A 508 2.89 -21.27 16.99
CA SER A 508 2.29 -22.26 16.10
C SER A 508 1.08 -22.94 16.73
N ASP A 509 1.09 -23.09 18.06
CA ASP A 509 -0.04 -23.70 18.76
C ASP A 509 -1.31 -22.88 18.61
N LYS A 510 -1.22 -21.59 18.33
CA LYS A 510 -2.41 -20.79 18.08
C LYS A 510 -2.83 -20.76 16.59
N VAL A 511 -2.24 -21.63 15.75
CA VAL A 511 -2.42 -21.55 14.29
C VAL A 511 -2.92 -22.90 13.76
N ALA A 512 -3.87 -22.84 12.83
CA ALA A 512 -4.33 -24.01 12.11
C ALA A 512 -4.32 -23.74 10.61
N ASP A 513 -3.65 -24.62 9.87
CA ASP A 513 -3.49 -24.55 8.43
C ASP A 513 -4.27 -25.68 7.77
N ILE A 514 -4.63 -25.48 6.50
CA ILE A 514 -5.64 -26.36 5.91
C ILE A 514 -5.10 -27.77 5.71
N GLN A 515 -3.80 -27.96 5.71
CA GLN A 515 -3.25 -29.30 5.60
C GLN A 515 -3.36 -30.11 6.89
N GLN A 516 -3.88 -29.51 7.96
CA GLN A 516 -4.00 -30.13 9.27
C GLN A 516 -5.44 -30.57 9.50
N PRO A 517 -5.68 -31.40 10.53
CA PRO A 517 -7.05 -31.88 10.77
C PRO A 517 -8.02 -30.73 10.97
N PHE A 518 -9.26 -30.96 10.54
CA PHE A 518 -10.31 -29.97 10.77
C PHE A 518 -10.52 -29.76 12.27
N SER A 519 -10.22 -30.77 13.07
CA SER A 519 -10.41 -30.65 14.50
C SER A 519 -9.40 -29.66 15.09
N ARG A 520 -8.17 -29.62 14.57
CA ARG A 520 -7.23 -28.57 14.99
C ARG A 520 -7.81 -27.19 14.69
N LEU A 521 -8.49 -27.03 13.55
CA LEU A 521 -9.13 -25.76 13.25
C LEU A 521 -10.18 -25.40 14.30
N CYS A 522 -10.89 -26.39 14.85
CA CYS A 522 -11.88 -26.09 15.89
C CYS A 522 -11.20 -25.74 17.22
N GLU A 523 -10.11 -26.42 17.55
CA GLU A 523 -9.36 -26.14 18.78
C GLU A 523 -8.93 -24.68 18.84
N VAL A 524 -8.52 -24.11 17.71
CA VAL A 524 -7.91 -22.78 17.72
C VAL A 524 -8.83 -21.69 17.21
N ASN A 525 -9.93 -22.00 16.56
CA ASN A 525 -10.85 -20.96 16.09
C ASN A 525 -12.21 -21.22 16.72
N SER A 526 -12.52 -20.46 17.77
CA SER A 526 -13.74 -20.74 18.52
C SER A 526 -14.98 -20.23 17.82
N ALA A 527 -14.84 -19.57 16.67
CA ALA A 527 -16.01 -19.22 15.87
C ALA A 527 -16.51 -20.40 15.04
N VAL A 528 -15.69 -21.42 14.85
CA VAL A 528 -16.06 -22.55 14.00
C VAL A 528 -17.18 -23.35 14.65
N LYS A 529 -17.11 -23.54 15.97
CA LYS A 529 -18.15 -24.31 16.67
C LYS A 529 -19.52 -23.69 16.45
N SER A 530 -19.60 -22.36 16.41
CA SER A 530 -20.82 -21.63 16.11
C SER A 530 -21.14 -21.57 14.62
N SER A 531 -20.30 -22.13 13.77
CA SER A 531 -20.50 -22.00 12.32
C SER A 531 -21.24 -23.21 11.78
N GLU A 532 -21.87 -23.01 10.61
CA GLU A 532 -22.52 -24.12 9.91
C GLU A 532 -21.53 -25.19 9.44
N PHE A 533 -20.24 -25.12 9.79
CA PHE A 533 -19.30 -26.18 9.51
C PHE A 533 -18.95 -26.97 10.76
N ALA A 534 -19.66 -26.72 11.86
CA ALA A 534 -19.32 -27.33 13.15
C ALA A 534 -19.30 -28.84 13.09
N GLY A 535 -20.25 -29.44 12.35
CA GLY A 535 -20.29 -30.89 12.24
C GLY A 535 -18.99 -31.50 11.76
N TYR A 536 -18.11 -30.70 11.17
CA TYR A 536 -16.86 -31.24 10.66
C TYR A 536 -15.78 -31.39 11.73
N CYS A 537 -15.98 -30.76 12.90
CA CYS A 537 -15.01 -30.93 13.99
C CYS A 537 -14.77 -32.41 14.29
N ASP A 538 -15.82 -33.23 14.18
CA ASP A 538 -15.75 -34.66 14.46
C ASP A 538 -15.16 -35.47 13.32
N SER A 539 -14.99 -34.87 12.14
CA SER A 539 -14.96 -35.63 10.88
C SER A 539 -13.70 -36.47 10.71
N GLY A 540 -12.64 -36.21 11.45
CA GLY A 540 -11.39 -36.90 11.20
C GLY A 540 -10.71 -36.55 9.88
N SER A 541 -11.25 -35.62 9.10
CA SER A 541 -10.64 -35.22 7.84
C SER A 541 -10.03 -33.83 7.97
N THR A 542 -9.03 -33.57 7.12
CA THR A 542 -8.32 -32.29 7.12
C THR A 542 -9.22 -31.16 6.60
N VAL A 543 -8.83 -29.91 6.86
CA VAL A 543 -9.57 -28.78 6.33
C VAL A 543 -9.49 -28.77 4.80
N GLU A 544 -8.31 -29.08 4.26
CA GLU A 544 -8.13 -29.19 2.83
C GLU A 544 -9.11 -30.19 2.23
N GLU A 545 -9.27 -31.35 2.87
CA GLU A 545 -10.23 -32.35 2.39
C GLU A 545 -11.64 -31.79 2.42
N VAL A 546 -11.96 -30.97 3.42
CA VAL A 546 -13.31 -30.45 3.52
C VAL A 546 -13.56 -29.39 2.47
N LEU A 547 -12.59 -28.50 2.24
CA LEU A 547 -12.77 -27.48 1.23
C LEU A 547 -12.99 -28.12 -0.14
N THR A 548 -12.25 -29.19 -0.42
CA THR A 548 -12.45 -29.92 -1.66
C THR A 548 -13.87 -30.48 -1.76
N GLN A 549 -14.30 -31.20 -0.73
CA GLN A 549 -15.66 -31.76 -0.72
C GLN A 549 -16.72 -30.67 -0.88
N LEU A 550 -16.45 -29.46 -0.40
CA LEU A 550 -17.39 -28.35 -0.53
C LEU A 550 -17.45 -27.76 -1.94
N LYS A 551 -16.52 -28.14 -2.83
CA LYS A 551 -16.55 -27.61 -4.19
C LYS A 551 -17.79 -28.08 -4.95
N GLN A 552 -18.30 -29.27 -4.62
CA GLN A 552 -19.30 -29.91 -5.47
C GLN A 552 -20.58 -29.07 -5.57
N ASN A 553 -21.11 -28.63 -4.43
CA ASN A 553 -22.36 -27.87 -4.41
C ASN A 553 -22.13 -26.37 -4.26
N ASP A 554 -20.95 -25.88 -4.60
CA ASP A 554 -20.62 -24.47 -4.45
C ASP A 554 -21.12 -23.68 -5.66
N SER A 555 -21.78 -22.56 -5.42
CA SER A 555 -22.27 -21.72 -6.52
C SER A 555 -22.49 -20.33 -5.97
N LYS A 556 -22.87 -19.41 -6.87
N LYS A 556 -22.87 -19.39 -6.87
CA LYS A 556 -23.19 -18.04 -6.47
CA LYS A 556 -23.17 -18.04 -6.44
C LYS A 556 -24.36 -18.00 -5.50
C LYS A 556 -24.39 -17.98 -5.53
N ASP A 557 -25.13 -19.08 -5.42
CA ASP A 557 -26.25 -19.19 -4.49
C ASP A 557 -25.86 -19.91 -3.21
N ASN A 558 -24.96 -20.91 -3.30
CA ASN A 558 -24.38 -21.60 -2.15
C ASN A 558 -22.85 -21.45 -2.17
N PRO A 559 -22.25 -20.08 -1.78
CA PRO A 559 -20.78 -19.86 -1.78
C PRO A 559 -20.09 -20.45 -0.56
N GLN A 560 -20.20 -21.77 -0.41
CA GLN A 560 -19.81 -22.39 0.85
C GLN A 560 -18.31 -22.55 1.00
N VAL A 561 -17.57 -22.78 -0.09
CA VAL A 561 -16.11 -22.89 0.00
C VAL A 561 -15.54 -21.61 0.58
N GLN A 562 -16.00 -20.47 0.07
CA GLN A 562 -15.56 -19.20 0.61
C GLN A 562 -15.99 -19.03 2.06
N ALA A 563 -17.17 -19.57 2.43
CA ALA A 563 -17.66 -19.40 3.79
C ALA A 563 -16.72 -20.04 4.79
N LEU A 564 -16.35 -21.30 4.57
CA LEU A 564 -15.43 -21.94 5.48
C LEU A 564 -14.07 -21.22 5.47
N ASN A 565 -13.66 -20.73 4.29
CA ASN A 565 -12.32 -20.19 4.15
C ASN A 565 -12.16 -18.86 4.90
N THR A 566 -13.24 -18.09 5.00
CA THR A 566 -13.21 -16.84 5.75
C THR A 566 -12.87 -17.06 7.22
N LEU A 567 -13.33 -18.17 7.80
CA LEU A 567 -12.94 -18.48 9.17
C LEU A 567 -11.50 -18.99 9.21
N VAL A 568 -11.17 -19.88 8.27
CA VAL A 568 -9.80 -20.36 8.15
C VAL A 568 -8.83 -19.19 8.10
N ALA A 569 -9.21 -18.12 7.41
CA ALA A 569 -8.30 -16.99 7.22
C ALA A 569 -7.92 -16.33 8.54
N GLN A 570 -8.79 -16.44 9.55
CA GLN A 570 -8.57 -15.73 10.79
C GLN A 570 -7.41 -16.31 11.58
N THR A 571 -7.16 -17.61 11.44
CA THR A 571 -6.22 -18.29 12.33
C THR A 571 -5.20 -19.14 11.58
N ASP A 572 -4.96 -18.87 10.29
CA ASP A 572 -3.99 -19.62 9.51
C ASP A 572 -2.66 -18.87 9.44
N SER A 573 -1.73 -19.44 8.69
CA SER A 573 -0.39 -18.89 8.53
C SER A 573 -0.29 -17.90 7.36
N TYR A 574 -1.41 -17.51 6.75
CA TYR A 574 -1.38 -16.84 5.47
C TYR A 574 -1.71 -15.35 5.57
N ASN A 575 -0.87 -14.54 4.95
CA ASN A 575 -1.14 -13.14 4.67
C ASN A 575 -0.07 -12.61 3.72
N TRP A 576 -0.47 -11.75 2.77
CA TRP A 576 0.55 -11.03 2.01
C TRP A 576 1.55 -10.37 2.94
N GLY A 577 1.07 -9.82 4.06
CA GLY A 577 1.94 -9.26 5.07
C GLY A 577 2.24 -7.79 4.94
N TYR A 578 1.34 -7.00 4.37
CA TYR A 578 1.61 -5.57 4.20
C TYR A 578 1.30 -4.82 5.48
N ASP A 579 1.83 -5.34 6.60
CA ASP A 579 1.37 -4.99 7.96
C ASP A 579 2.58 -4.92 8.87
N PRO A 580 3.34 -3.82 8.82
CA PRO A 580 4.67 -3.81 9.47
C PRO A 580 4.58 -3.78 10.99
N PHE A 581 5.18 -4.79 11.63
CA PHE A 581 5.43 -4.81 13.07
C PHE A 581 6.82 -4.24 13.37
N HIS A 582 7.87 -4.83 12.76
CA HIS A 582 9.23 -4.31 12.87
C HIS A 582 9.90 -4.29 11.50
N TYR A 583 10.48 -3.15 11.13
CA TYR A 583 10.94 -2.93 9.77
C TYR A 583 12.23 -3.65 9.43
N THR A 584 13.03 -4.05 10.42
CA THR A 584 14.37 -4.53 10.09
C THR A 584 14.68 -5.84 10.81
N VAL A 585 13.67 -6.68 10.96
CA VAL A 585 13.81 -8.07 11.38
C VAL A 585 13.07 -8.95 10.38
N PRO A 586 13.58 -10.13 10.02
CA PRO A 586 12.79 -11.04 9.17
C PRO A 586 11.52 -11.48 9.86
N GLU A 587 10.55 -11.88 9.04
CA GLU A 587 9.32 -12.47 9.56
C GLU A 587 9.61 -13.76 10.31
N GLY A 588 8.94 -13.93 11.46
CA GLY A 588 9.21 -15.10 12.27
C GLY A 588 8.53 -16.38 11.82
N SER A 589 7.26 -16.26 11.36
CA SER A 589 6.49 -17.45 10.99
C SER A 589 7.07 -18.18 9.78
N TYR A 590 7.89 -17.52 8.96
CA TYR A 590 8.57 -18.18 7.85
C TYR A 590 9.85 -18.89 8.28
N ALA A 591 10.24 -18.76 9.54
CA ALA A 591 11.36 -19.53 10.08
C ALA A 591 10.84 -20.85 10.65
N THR A 592 11.71 -21.87 10.66
CA THR A 592 11.38 -23.12 11.37
C THR A 592 11.28 -22.89 12.87
N ASP A 593 12.07 -21.95 13.39
CA ASP A 593 12.05 -21.59 14.81
C ASP A 593 11.98 -20.07 14.95
N PRO A 594 10.85 -19.52 15.38
CA PRO A 594 10.74 -18.06 15.50
C PRO A 594 11.28 -17.46 16.80
N GLU A 595 11.80 -18.25 17.72
CA GLU A 595 12.29 -17.73 18.99
C GLU A 595 13.78 -17.37 18.88
N GLY A 596 14.09 -16.08 18.76
CA GLY A 596 15.48 -15.67 18.71
C GLY A 596 16.08 -15.55 17.32
N THR A 597 17.39 -15.77 17.23
CA THR A 597 18.17 -15.40 16.06
C THR A 597 18.09 -16.40 14.90
N ALA A 598 17.44 -17.55 15.09
CA ALA A 598 17.38 -18.58 14.05
C ALA A 598 16.93 -18.02 12.69
N ARG A 599 15.87 -17.20 12.68
CA ARG A 599 15.32 -16.70 11.43
C ARG A 599 16.34 -15.91 10.62
N ILE A 600 17.34 -15.34 11.30
CA ILE A 600 18.33 -14.54 10.60
C ILE A 600 19.20 -15.42 9.70
N LYS A 601 19.70 -16.54 10.25
CA LYS A 601 20.51 -17.44 9.43
C LYS A 601 19.67 -18.12 8.36
N GLU A 602 18.42 -18.49 8.68
CA GLU A 602 17.54 -19.14 7.72
C GLU A 602 17.19 -18.21 6.56
N PHE A 603 16.95 -16.94 6.85
CA PHE A 603 16.69 -15.95 5.81
C PHE A 603 17.90 -15.86 4.87
N ARG A 604 19.09 -15.68 5.44
CA ARG A 604 20.31 -15.56 4.63
C ARG A 604 20.57 -16.84 3.84
N THR A 605 20.22 -18.01 4.41
CA THR A 605 20.39 -19.26 3.67
C THR A 605 19.48 -19.29 2.45
N MET A 606 18.25 -18.79 2.58
CA MET A 606 17.37 -18.64 1.42
C MET A 606 17.97 -17.72 0.38
N ILE A 607 18.41 -16.51 0.79
CA ILE A 607 18.98 -15.54 -0.13
C ILE A 607 20.15 -16.14 -0.90
N GLN A 608 21.04 -16.81 -0.18
CA GLN A 608 22.16 -17.49 -0.81
C GLN A 608 21.68 -18.55 -1.81
N ALA A 609 20.66 -19.34 -1.44
CA ALA A 609 20.16 -20.36 -2.35
C ALA A 609 19.61 -19.73 -3.64
N ILE A 610 18.86 -18.65 -3.50
CA ILE A 610 18.32 -17.97 -4.68
C ILE A 610 19.44 -17.47 -5.58
N LYS A 611 20.43 -16.79 -5.00
CA LYS A 611 21.52 -16.24 -5.80
C LYS A 611 22.41 -17.34 -6.34
N GLN A 612 22.80 -18.29 -5.48
CA GLN A 612 23.83 -19.24 -5.83
C GLN A 612 23.30 -20.51 -6.50
N ASP A 613 22.16 -21.04 -6.07
N ASP A 613 22.14 -21.01 -6.07
CA ASP A 613 21.62 -22.22 -6.73
CA ASP A 613 21.56 -22.24 -6.61
C ASP A 613 20.66 -21.86 -7.86
C ASP A 613 20.51 -21.99 -7.70
N LEU A 614 19.82 -20.84 -7.66
CA LEU A 614 18.85 -20.50 -8.69
C LEU A 614 19.39 -19.48 -9.68
N GLY A 615 20.35 -18.65 -9.28
CA GLY A 615 20.91 -17.70 -10.22
C GLY A 615 20.14 -16.41 -10.35
N MET A 616 19.40 -16.00 -9.34
CA MET A 616 18.60 -14.79 -9.47
C MET A 616 18.99 -13.75 -8.45
N ASN A 617 18.74 -12.50 -8.80
CA ASN A 617 18.81 -11.41 -7.84
C ASN A 617 17.53 -11.40 -7.00
N VAL A 618 17.60 -10.77 -5.83
CA VAL A 618 16.47 -10.72 -4.92
C VAL A 618 16.07 -9.28 -4.70
N ILE A 619 14.77 -9.00 -4.86
CA ILE A 619 14.15 -7.73 -4.51
C ILE A 619 13.22 -7.94 -3.33
N MET A 620 13.21 -6.99 -2.39
CA MET A 620 12.30 -7.01 -1.26
C MET A 620 11.18 -5.97 -1.42
N ASP A 621 9.94 -6.41 -1.23
CA ASP A 621 8.86 -5.47 -0.95
C ASP A 621 9.05 -4.82 0.41
N VAL A 622 9.05 -3.49 0.44
CA VAL A 622 9.13 -2.80 1.72
C VAL A 622 7.93 -1.87 1.83
N VAL A 623 7.48 -1.67 3.06
CA VAL A 623 6.23 -0.97 3.34
C VAL A 623 6.47 0.10 4.40
N TYR A 624 7.21 1.15 4.06
CA TYR A 624 7.49 2.22 5.02
C TYR A 624 6.41 3.30 5.04
N ASN A 625 5.34 3.16 4.24
CA ASN A 625 4.28 4.17 4.15
C ASN A 625 3.24 4.05 5.24
N HIS A 626 3.27 2.99 6.03
CA HIS A 626 2.32 2.93 7.12
C HIS A 626 2.86 1.96 8.17
N THR A 627 2.28 2.04 9.34
CA THR A 627 2.51 1.10 10.43
C THR A 627 1.24 0.27 10.61
N ASN A 628 1.37 -0.81 11.35
CA ASN A 628 0.22 -1.67 11.53
C ASN A 628 -0.80 -1.08 12.50
N ALA A 629 -0.35 -0.28 13.46
CA ALA A 629 -1.24 0.28 14.46
C ALA A 629 -0.59 1.55 15.00
N ALA A 630 -1.35 2.29 15.79
CA ALA A 630 -0.87 3.51 16.42
C ALA A 630 -1.58 3.68 17.76
N GLY A 631 -1.24 4.76 18.46
CA GLY A 631 -1.81 5.02 19.78
C GLY A 631 -1.10 4.28 20.90
N PRO A 632 -1.60 4.46 22.13
CA PRO A 632 -0.94 3.87 23.31
C PRO A 632 -1.46 2.49 23.72
N THR A 633 -2.36 1.88 22.97
CA THR A 633 -3.06 0.67 23.36
C THR A 633 -2.65 -0.57 22.57
N ASP A 634 -2.66 -0.48 21.25
N ASP A 634 -2.64 -0.47 21.25
CA ASP A 634 -2.59 -1.67 20.40
CA ASP A 634 -2.53 -1.65 20.39
C ASP A 634 -1.23 -2.35 20.50
C ASP A 634 -1.20 -2.36 20.59
N ARG A 635 -1.25 -3.69 20.54
CA ARG A 635 -0.05 -4.49 20.71
C ARG A 635 1.02 -4.16 19.67
N THR A 636 0.61 -3.80 18.44
CA THR A 636 1.54 -3.59 17.34
C THR A 636 1.93 -2.13 17.13
N SER A 637 1.45 -1.23 17.99
CA SER A 637 1.92 0.15 18.01
C SER A 637 3.30 0.22 18.69
N VAL A 638 4.33 0.46 17.90
CA VAL A 638 5.68 0.56 18.42
C VAL A 638 6.12 2.02 18.32
N LEU A 639 6.25 2.53 17.09
CA LEU A 639 6.73 3.90 16.89
C LEU A 639 5.86 4.93 17.60
N ASP A 640 4.54 4.74 17.62
CA ASP A 640 3.67 5.75 18.22
C ASP A 640 3.51 5.60 19.72
N LYS A 641 4.07 4.55 20.32
CA LYS A 641 4.15 4.46 21.77
C LYS A 641 5.39 5.17 22.32
N ILE A 642 6.45 5.24 21.53
CA ILE A 642 7.73 5.78 22.00
C ILE A 642 7.83 7.27 21.72
N VAL A 643 7.49 7.71 20.52
CA VAL A 643 7.44 9.14 20.24
C VAL A 643 6.05 9.47 19.71
N PRO A 644 5.05 9.53 20.58
CA PRO A 644 3.67 9.77 20.13
C PRO A 644 3.56 10.94 19.16
N TRP A 645 2.74 10.74 18.11
CA TRP A 645 2.37 11.73 17.10
C TRP A 645 3.53 12.24 16.28
N TYR A 646 4.69 11.60 16.33
CA TYR A 646 5.77 12.03 15.47
C TYR A 646 5.87 11.20 14.19
N TYR A 647 5.72 9.87 14.29
CA TYR A 647 5.98 8.99 13.16
C TYR A 647 4.75 8.77 12.28
N GLN A 648 3.56 9.13 12.75
CA GLN A 648 2.34 8.98 11.99
C GLN A 648 1.96 10.31 11.35
N ARG A 649 1.34 10.24 10.16
CA ARG A 649 0.75 11.42 9.57
C ARG A 649 -0.62 11.65 10.18
N LEU A 650 -0.89 12.89 10.57
CA LEU A 650 -2.09 13.26 11.30
C LEU A 650 -2.95 14.20 10.46
N ASN A 651 -4.26 14.10 10.67
CA ASN A 651 -5.21 15.11 10.21
C ASN A 651 -4.89 16.45 10.88
N GLU A 652 -4.70 17.49 10.06
CA GLU A 652 -4.25 18.80 10.55
C GLU A 652 -5.22 19.45 11.53
N THR A 653 -6.45 18.96 11.62
CA THR A 653 -7.46 19.51 12.51
C THR A 653 -7.77 18.62 13.69
N THR A 654 -8.08 17.35 13.44
CA THR A 654 -8.40 16.42 14.52
C THR A 654 -7.15 15.85 15.19
N GLY A 655 -6.02 15.87 14.49
CA GLY A 655 -4.87 15.12 14.96
C GLY A 655 -5.00 13.63 14.88
N SER A 656 -6.12 13.12 14.34
CA SER A 656 -6.28 11.69 14.15
C SER A 656 -5.23 11.16 13.19
N VAL A 657 -4.78 9.93 13.44
CA VAL A 657 -3.86 9.27 12.52
C VAL A 657 -4.61 8.93 11.23
N GLU A 658 -4.04 9.31 10.09
CA GLU A 658 -4.72 9.11 8.81
C GLU A 658 -4.57 7.66 8.37
N SER A 659 -5.50 7.24 7.49
CA SER A 659 -5.62 5.85 7.07
C SER A 659 -5.71 5.69 5.55
N ALA A 660 -5.27 6.70 4.78
CA ALA A 660 -5.39 6.64 3.33
C ALA A 660 -4.58 5.51 2.70
N THR A 661 -3.61 4.94 3.40
CA THR A 661 -2.87 3.83 2.84
C THR A 661 -3.60 2.51 3.02
N CYS A 662 -4.52 2.44 4.00
CA CYS A 662 -5.29 1.26 4.43
C CYS A 662 -5.38 1.29 5.94
N CYS A 663 -4.34 1.83 6.60
CA CYS A 663 -4.01 1.45 7.97
C CYS A 663 -3.64 2.65 8.84
N SER A 664 -2.39 2.73 9.32
CA SER A 664 -1.92 3.88 10.09
C SER A 664 -0.82 4.60 9.32
N ASP A 665 -1.19 5.69 8.66
CA ASP A 665 -0.28 6.35 7.73
C ASP A 665 0.95 6.88 8.46
N SER A 666 2.11 6.66 7.88
CA SER A 666 3.37 7.10 8.47
C SER A 666 3.79 8.44 7.86
N ALA A 667 4.87 9.01 8.39
CA ALA A 667 5.29 10.36 8.06
C ALA A 667 6.75 10.38 7.64
N PRO A 668 7.07 9.88 6.44
CA PRO A 668 8.45 9.98 5.94
C PRO A 668 8.89 11.40 5.63
N GLU A 669 8.02 12.40 5.75
CA GLU A 669 8.49 13.78 5.64
C GLU A 669 9.22 14.21 6.91
N HIS A 670 8.98 13.55 8.04
CA HIS A 670 9.66 13.90 9.27
C HIS A 670 11.06 13.26 9.33
N ARG A 671 12.01 14.01 9.88
CA ARG A 671 13.42 13.72 9.65
C ARG A 671 13.87 12.40 10.29
N MET A 672 13.35 12.07 11.46
CA MET A 672 13.82 10.85 12.12
C MET A 672 13.17 9.60 11.54
N PHE A 673 11.98 9.72 10.95
CA PHE A 673 11.44 8.57 10.23
C PHE A 673 12.18 8.39 8.90
N ALA A 674 12.46 9.49 8.20
CA ALA A 674 13.34 9.43 7.04
C ALA A 674 14.64 8.70 7.38
N LYS A 675 15.22 9.00 8.56
CA LYS A 675 16.45 8.33 8.97
C LYS A 675 16.21 6.87 9.33
N LEU A 676 15.13 6.59 10.05
CA LEU A 676 14.78 5.20 10.34
C LEU A 676 14.68 4.39 9.05
N ILE A 677 13.95 4.92 8.05
CA ILE A 677 13.83 4.22 6.75
C ILE A 677 15.21 4.00 6.13
N ALA A 678 16.03 5.04 6.12
CA ALA A 678 17.35 4.90 5.48
C ALA A 678 18.24 3.90 6.24
N ASP A 679 18.29 4.00 7.58
CA ASP A 679 19.05 3.05 8.37
C ASP A 679 18.53 1.63 8.17
N SER A 680 17.21 1.46 8.13
CA SER A 680 16.64 0.14 7.91
C SER A 680 17.09 -0.44 6.57
N LEU A 681 16.98 0.35 5.48
CA LEU A 681 17.39 -0.14 4.17
C LEU A 681 18.85 -0.49 4.14
N ALA A 682 19.67 0.26 4.89
CA ALA A 682 21.09 -0.03 4.96
C ALA A 682 21.33 -1.45 5.48
N VAL A 683 20.55 -1.88 6.48
CA VAL A 683 20.71 -3.23 7.00
C VAL A 683 20.32 -4.28 5.95
N TRP A 684 19.15 -4.12 5.35
CA TRP A 684 18.75 -5.08 4.31
C TRP A 684 19.77 -5.11 3.19
N THR A 685 20.32 -3.95 2.81
CA THR A 685 21.35 -3.91 1.77
C THR A 685 22.64 -4.60 2.19
N THR A 686 23.22 -4.16 3.31
CA THR A 686 24.52 -4.67 3.72
C THR A 686 24.42 -6.03 4.38
N ASP A 687 23.53 -6.18 5.37
CA ASP A 687 23.55 -7.41 6.16
C ASP A 687 22.79 -8.55 5.51
N TYR A 688 21.81 -8.26 4.65
CA TYR A 688 21.07 -9.31 3.94
C TYR A 688 21.27 -9.32 2.43
N LYS A 689 22.13 -8.45 1.89
CA LYS A 689 22.54 -8.53 0.49
C LYS A 689 21.36 -8.46 -0.47
N ILE A 690 20.40 -7.60 -0.17
CA ILE A 690 19.23 -7.41 -1.02
C ILE A 690 19.63 -6.56 -2.22
N ASP A 691 19.31 -7.03 -3.44
CA ASP A 691 19.75 -6.32 -4.64
C ASP A 691 18.85 -5.15 -5.02
N GLY A 692 17.64 -5.07 -4.47
CA GLY A 692 16.80 -3.91 -4.76
C GLY A 692 15.53 -3.95 -3.95
N PHE A 693 14.81 -2.84 -3.99
CA PHE A 693 13.67 -2.60 -3.12
C PHE A 693 12.52 -2.04 -3.92
N ARG A 694 11.35 -2.54 -3.62
CA ARG A 694 10.13 -2.10 -4.26
C ARG A 694 9.28 -1.49 -3.17
N PHE A 695 9.06 -0.17 -3.27
CA PHE A 695 8.41 0.60 -2.21
C PHE A 695 6.90 0.54 -2.38
N ASP A 696 6.23 -0.06 -1.41
CA ASP A 696 4.78 -0.09 -1.38
C ASP A 696 4.26 1.33 -1.21
N LEU A 697 3.32 1.71 -2.07
CA LEU A 697 2.73 3.04 -2.07
C LEU A 697 3.78 4.14 -1.87
N MET A 698 4.77 4.13 -2.78
CA MET A 698 5.86 5.08 -2.73
C MET A 698 5.38 6.52 -2.90
N LEU A 699 4.26 6.70 -3.61
CA LEU A 699 3.61 8.00 -3.80
C LEU A 699 3.24 8.68 -2.49
N TYR A 700 3.24 7.97 -1.36
CA TYR A 700 2.96 8.61 -0.07
C TYR A 700 4.20 9.18 0.61
N HIS A 701 5.40 8.99 0.04
CA HIS A 701 6.71 9.46 0.45
C HIS A 701 7.07 10.71 -0.33
N PRO A 702 7.82 11.64 0.27
CA PRO A 702 8.35 12.75 -0.51
C PRO A 702 9.35 12.25 -1.53
N LYS A 703 9.26 12.81 -2.74
CA LYS A 703 10.33 12.62 -3.72
C LYS A 703 11.71 12.84 -3.08
N ALA A 704 11.88 13.95 -2.35
CA ALA A 704 13.18 14.25 -1.75
C ALA A 704 13.62 13.15 -0.78
N GLN A 705 12.69 12.62 0.01
CA GLN A 705 13.04 11.55 0.96
C GLN A 705 13.47 10.28 0.25
N ILE A 706 12.74 9.86 -0.80
CA ILE A 706 13.13 8.68 -1.57
C ILE A 706 14.50 8.89 -2.22
N LEU A 707 14.70 10.06 -2.83
CA LEU A 707 15.99 10.33 -3.45
C LEU A 707 17.12 10.35 -2.42
N SER A 708 16.87 10.99 -1.28
CA SER A 708 17.83 10.96 -0.17
C SER A 708 18.18 9.52 0.21
N ALA A 709 17.17 8.73 0.58
CA ALA A 709 17.38 7.32 0.90
C ALA A 709 18.18 6.61 -0.18
N TRP A 710 17.91 6.92 -1.46
CA TRP A 710 18.58 6.20 -2.54
C TRP A 710 20.08 6.51 -2.58
N GLU A 711 20.44 7.79 -2.40
CA GLU A 711 21.86 8.16 -2.41
C GLU A 711 22.58 7.56 -1.20
N ARG A 712 21.94 7.57 -0.03
N ARG A 712 21.93 7.56 -0.04
CA ARG A 712 22.49 6.87 1.13
CA ARG A 712 22.47 6.89 1.13
C ARG A 712 22.78 5.41 0.81
C ARG A 712 22.74 5.41 0.87
N ILE A 713 21.83 4.73 0.18
CA ILE A 713 22.03 3.31 -0.09
C ILE A 713 23.01 3.08 -1.24
N LYS A 714 23.04 3.98 -2.23
CA LYS A 714 24.01 3.83 -3.31
C LYS A 714 25.45 3.97 -2.81
N ALA A 715 25.66 4.73 -1.72
CA ALA A 715 26.98 4.80 -1.10
C ALA A 715 27.42 3.47 -0.49
N LEU A 716 26.49 2.59 -0.15
CA LEU A 716 26.81 1.24 0.30
C LEU A 716 26.99 0.28 -0.85
N ASN A 717 26.10 0.35 -1.87
CA ASN A 717 26.16 -0.47 -3.07
C ASN A 717 25.66 0.34 -4.28
N PRO A 718 26.54 0.66 -5.22
CA PRO A 718 26.14 1.61 -6.29
C PRO A 718 25.05 1.04 -7.19
N ASP A 719 24.99 -0.28 -7.34
CA ASP A 719 24.07 -0.96 -8.22
C ASP A 719 22.67 -1.20 -7.62
N ILE A 720 22.38 -0.71 -6.42
CA ILE A 720 21.08 -0.95 -5.81
C ILE A 720 19.99 -0.26 -6.63
N TYR A 721 18.82 -0.88 -6.74
CA TYR A 721 17.75 -0.38 -7.59
C TYR A 721 16.50 -0.16 -6.75
N PHE A 722 15.90 1.03 -6.89
CA PHE A 722 14.70 1.45 -6.18
C PHE A 722 13.55 1.57 -7.18
N PHE A 723 12.36 1.07 -6.81
CA PHE A 723 11.14 1.39 -7.57
C PHE A 723 9.94 1.19 -6.67
N GLY A 724 8.78 1.62 -7.14
CA GLY A 724 7.57 1.45 -6.35
C GLY A 724 6.30 1.80 -7.10
N GLU A 725 5.21 1.91 -6.31
CA GLU A 725 3.88 2.34 -6.76
C GLU A 725 3.83 3.86 -6.70
N GLY A 726 3.92 4.50 -7.87
CA GLY A 726 3.88 5.95 -7.90
C GLY A 726 2.55 6.52 -8.40
N TRP A 727 1.44 6.13 -7.76
CA TRP A 727 0.12 6.67 -8.10
C TRP A 727 -0.02 8.08 -7.54
N ASP A 728 -1.25 8.51 -7.24
CA ASP A 728 -1.50 9.81 -6.62
C ASP A 728 -1.99 9.60 -5.20
N SER A 729 -1.18 10.05 -4.23
CA SER A 729 -1.45 9.86 -2.81
C SER A 729 -2.36 10.92 -2.23
N ASN A 730 -2.60 12.01 -2.97
CA ASN A 730 -3.29 13.20 -2.47
C ASN A 730 -2.47 13.92 -1.38
N GLN A 731 -1.14 13.81 -1.44
CA GLN A 731 -0.26 14.46 -0.47
C GLN A 731 0.58 15.56 -1.13
N SER A 732 0.22 15.95 -2.36
CA SER A 732 0.95 17.00 -3.04
C SER A 732 0.82 18.35 -2.34
N ASP A 733 -0.21 18.54 -1.51
CA ASP A 733 -0.34 19.75 -0.71
C ASP A 733 0.71 19.86 0.39
N ARG A 734 1.34 18.75 0.80
CA ARG A 734 2.36 18.78 1.85
C ARG A 734 3.78 18.73 1.32
N PHE A 735 4.00 18.06 0.19
CA PHE A 735 5.33 17.94 -0.38
C PHE A 735 5.19 17.41 -1.79
N GLU A 736 6.27 17.52 -2.55
CA GLU A 736 6.33 16.90 -3.87
C GLU A 736 6.37 15.39 -3.71
N ILE A 737 5.27 14.73 -4.04
CA ILE A 737 5.18 13.28 -3.85
C ILE A 737 6.07 12.54 -4.84
N ALA A 738 6.39 11.29 -4.49
CA ALA A 738 7.25 10.41 -5.30
C ALA A 738 6.38 9.64 -6.29
N SER A 739 5.95 10.34 -7.35
CA SER A 739 4.97 9.82 -8.29
C SER A 739 5.61 9.56 -9.63
N GLN A 740 4.88 8.84 -10.48
CA GLN A 740 5.33 8.57 -11.84
C GLN A 740 5.75 9.86 -12.54
N ILE A 741 4.93 10.89 -12.42
CA ILE A 741 5.20 12.16 -13.08
C ILE A 741 6.45 12.82 -12.49
N ASN A 742 6.46 13.04 -11.16
CA ASN A 742 7.55 13.76 -10.51
C ASN A 742 8.86 12.99 -10.48
N LEU A 743 8.84 11.67 -10.73
CA LEU A 743 10.08 10.90 -10.71
C LEU A 743 10.75 10.82 -12.06
N LYS A 744 10.24 11.55 -13.06
CA LYS A 744 10.84 11.56 -14.38
C LYS A 744 12.30 11.99 -14.30
N GLY A 745 13.18 11.17 -14.89
CA GLY A 745 14.60 11.47 -14.94
C GLY A 745 15.39 11.08 -13.71
N THR A 746 14.74 10.77 -12.59
CA THR A 746 15.46 10.49 -11.35
C THR A 746 16.17 9.14 -11.34
N GLY A 747 15.80 8.22 -12.22
CA GLY A 747 16.25 6.85 -12.12
C GLY A 747 15.45 5.99 -11.16
N ILE A 748 14.49 6.57 -10.43
CA ILE A 748 13.62 5.79 -9.57
C ILE A 748 12.51 5.18 -10.42
N GLY A 749 12.44 3.84 -10.47
CA GLY A 749 11.43 3.18 -11.28
C GLY A 749 10.04 3.29 -10.67
N THR A 750 9.02 3.14 -11.53
CA THR A 750 7.62 3.03 -11.10
C THR A 750 6.86 2.02 -11.95
N PHE A 751 5.93 1.31 -11.31
CA PHE A 751 4.98 0.48 -12.03
C PHE A 751 4.19 1.35 -12.99
N SER A 752 4.12 0.94 -14.26
CA SER A 752 3.28 1.64 -15.20
C SER A 752 1.95 0.91 -15.32
N ASP A 753 0.86 1.59 -14.96
CA ASP A 753 -0.47 1.07 -15.22
C ASP A 753 -0.93 1.25 -16.67
N ARG A 754 -0.09 1.78 -17.57
CA ARG A 754 -0.54 2.10 -18.93
C ARG A 754 -0.66 0.86 -19.79
N LEU A 755 0.47 0.19 -20.06
CA LEU A 755 0.42 -1.04 -20.84
C LEU A 755 -0.44 -2.08 -20.14
N ARG A 756 -0.30 -2.18 -18.81
CA ARG A 756 -1.11 -3.05 -17.97
C ARG A 756 -2.58 -3.03 -18.36
N ASP A 757 -3.19 -1.85 -18.35
CA ASP A 757 -4.63 -1.75 -18.59
C ASP A 757 -4.98 -1.91 -20.07
N ALA A 758 -4.12 -1.43 -20.98
CA ALA A 758 -4.35 -1.62 -22.41
C ALA A 758 -4.39 -3.09 -22.78
N VAL A 759 -3.53 -3.91 -22.18
CA VAL A 759 -3.40 -5.33 -22.55
C VAL A 759 -4.39 -6.20 -21.78
N ARG A 760 -4.56 -5.92 -20.48
CA ARG A 760 -5.53 -6.66 -19.67
C ARG A 760 -6.96 -6.31 -20.04
N GLY A 761 -7.22 -5.06 -20.43
CA GLY A 761 -8.58 -4.57 -20.48
C GLY A 761 -9.04 -3.88 -19.21
N GLY A 762 -9.72 -2.74 -19.34
CA GLY A 762 -10.36 -2.15 -18.18
C GLY A 762 -9.41 -1.50 -17.18
N GLY A 763 -9.80 -1.57 -15.91
CA GLY A 763 -9.07 -1.01 -14.81
C GLY A 763 -9.37 -1.79 -13.55
N PRO A 764 -8.58 -1.58 -12.47
CA PRO A 764 -8.74 -2.43 -11.26
C PRO A 764 -10.04 -2.22 -10.49
N PHE A 765 -10.81 -1.15 -10.75
CA PHE A 765 -12.07 -0.94 -10.05
C PHE A 765 -13.30 -1.40 -10.84
N ASP A 766 -13.15 -2.00 -12.02
CA ASP A 766 -14.29 -2.57 -12.72
C ASP A 766 -15.00 -3.59 -11.83
N SER A 767 -16.33 -3.67 -11.98
CA SER A 767 -17.09 -4.77 -11.39
C SER A 767 -18.32 -5.09 -12.25
N GLY A 768 -18.93 -6.24 -11.96
CA GLY A 768 -20.10 -6.66 -12.68
C GLY A 768 -19.81 -6.89 -14.14
N ASP A 769 -20.74 -6.45 -14.98
CA ASP A 769 -20.62 -6.68 -16.42
C ASP A 769 -19.39 -5.99 -16.99
N ALA A 770 -18.94 -4.91 -16.37
CA ALA A 770 -17.81 -4.18 -16.93
C ALA A 770 -16.55 -5.05 -16.97
N LEU A 771 -16.44 -6.01 -16.05
CA LEU A 771 -15.30 -6.94 -16.06
C LEU A 771 -15.21 -7.72 -17.37
N ARG A 772 -16.34 -8.01 -18.01
CA ARG A 772 -16.37 -8.70 -19.30
C ARG A 772 -16.37 -7.73 -20.48
N GLN A 773 -17.10 -6.63 -20.37
CA GLN A 773 -17.17 -5.68 -21.48
C GLN A 773 -15.82 -5.06 -21.80
N ASN A 774 -14.98 -4.85 -20.79
CA ASN A 774 -13.73 -4.10 -20.95
C ASN A 774 -12.61 -5.05 -21.38
N GLN A 775 -12.69 -5.46 -22.64
CA GLN A 775 -11.66 -6.34 -23.21
C GLN A 775 -10.38 -5.56 -23.45
N GLY A 776 -9.26 -6.26 -23.32
CA GLY A 776 -7.97 -5.68 -23.64
C GLY A 776 -7.41 -6.18 -24.96
N VAL A 777 -6.26 -5.62 -25.32
CA VAL A 777 -5.53 -6.11 -26.49
C VAL A 777 -5.26 -7.61 -26.35
N GLY A 778 -4.90 -8.06 -25.15
CA GLY A 778 -4.59 -9.47 -24.98
C GLY A 778 -5.77 -10.40 -25.12
N SER A 779 -6.98 -9.89 -24.91
CA SER A 779 -8.20 -10.70 -24.91
C SER A 779 -9.09 -10.37 -26.10
N GLY A 780 -8.54 -9.71 -27.11
CA GLY A 780 -9.23 -9.55 -28.38
C GLY A 780 -10.08 -8.32 -28.54
N ALA A 781 -9.76 -7.23 -27.84
CA ALA A 781 -10.50 -5.98 -28.00
C ALA A 781 -10.62 -5.61 -29.47
N GLY A 782 -11.84 -5.37 -29.92
CA GLY A 782 -12.12 -4.92 -31.28
C GLY A 782 -11.89 -5.92 -32.39
N VAL A 783 -11.36 -7.12 -32.11
CA VAL A 783 -11.08 -8.09 -33.17
C VAL A 783 -11.79 -9.40 -32.91
N LEU A 784 -12.05 -9.70 -31.63
CA LEU A 784 -12.79 -10.90 -31.22
C LEU A 784 -13.71 -10.50 -30.08
N PRO A 785 -14.71 -9.68 -30.36
CA PRO A 785 -15.55 -9.13 -29.28
C PRO A 785 -16.38 -10.23 -28.63
N ASN A 786 -16.67 -10.04 -27.35
CA ASN A 786 -17.59 -10.93 -26.65
C ASN A 786 -19.03 -10.40 -26.80
N GLU A 787 -19.99 -11.10 -26.18
CA GLU A 787 -21.40 -10.76 -26.40
C GLU A 787 -21.81 -9.44 -25.74
N LEU A 788 -21.08 -8.96 -24.73
CA LEU A 788 -21.50 -7.76 -24.00
C LEU A 788 -20.78 -6.49 -24.42
N THR A 789 -19.58 -6.58 -24.99
CA THR A 789 -18.77 -5.38 -25.14
C THR A 789 -19.30 -4.48 -26.25
N THR A 790 -19.00 -3.18 -26.12
CA THR A 790 -19.25 -2.19 -27.17
C THR A 790 -17.98 -1.45 -27.55
N LEU A 791 -16.82 -2.03 -27.28
CA LEU A 791 -15.56 -1.41 -27.69
C LEU A 791 -15.59 -1.10 -29.18
N SER A 792 -15.31 0.15 -29.52
CA SER A 792 -15.21 0.57 -30.90
C SER A 792 -13.80 0.33 -31.41
N ASP A 793 -13.64 0.45 -32.73
CA ASP A 793 -12.32 0.34 -33.35
C ASP A 793 -11.39 1.45 -32.86
N ASP A 794 -11.94 2.65 -32.69
CA ASP A 794 -11.16 3.76 -32.15
C ASP A 794 -10.63 3.42 -30.76
N GLN A 795 -11.50 2.91 -29.89
CA GLN A 795 -11.08 2.55 -28.54
C GLN A 795 -9.99 1.47 -28.56
N ALA A 796 -10.20 0.40 -29.35
CA ALA A 796 -9.19 -0.65 -29.47
C ALA A 796 -7.88 -0.12 -30.03
N ARG A 797 -7.94 0.82 -30.98
CA ARG A 797 -6.70 1.35 -31.53
C ARG A 797 -5.97 2.22 -30.49
N HIS A 798 -6.73 2.87 -29.61
CA HIS A 798 -6.15 3.64 -28.52
C HIS A 798 -5.42 2.72 -27.54
N LEU A 799 -6.01 1.57 -27.19
CA LEU A 799 -5.30 0.59 -26.39
C LEU A 799 -4.00 0.16 -27.05
N ALA A 800 -4.00 -0.03 -28.38
CA ALA A 800 -2.78 -0.40 -29.08
C ALA A 800 -1.73 0.71 -28.99
N ASP A 801 -2.15 1.97 -29.04
CA ASP A 801 -1.23 3.08 -28.80
C ASP A 801 -0.53 2.92 -27.45
N LEU A 802 -1.32 2.82 -26.37
CA LEU A 802 -0.75 2.64 -25.04
C LEU A 802 0.23 1.46 -25.00
N THR A 803 -0.12 0.35 -25.65
CA THR A 803 0.71 -0.84 -25.64
C THR A 803 2.04 -0.60 -26.35
N ARG A 804 1.99 -0.09 -27.58
CA ARG A 804 3.22 0.28 -28.28
C ARG A 804 4.05 1.24 -27.46
N LEU A 805 3.41 2.30 -26.94
CA LEU A 805 4.08 3.26 -26.08
C LEU A 805 4.83 2.56 -24.96
N GLY A 806 4.18 1.60 -24.28
CA GLY A 806 4.82 0.90 -23.18
C GLY A 806 5.89 -0.08 -23.63
N MET A 807 5.76 -0.63 -24.84
CA MET A 807 6.80 -1.51 -25.36
C MET A 807 8.06 -0.73 -25.70
N ALA A 808 7.94 0.58 -25.92
CA ALA A 808 9.08 1.44 -26.15
C ALA A 808 9.54 2.13 -24.88
N GLY A 809 9.06 1.68 -23.71
CA GLY A 809 9.50 2.19 -22.44
C GLY A 809 8.65 3.27 -21.82
N ASN A 810 7.48 3.55 -22.40
CA ASN A 810 6.54 4.56 -21.91
C ASN A 810 7.23 5.90 -21.63
N LEU A 811 8.13 6.31 -22.54
CA LEU A 811 8.81 7.60 -22.46
C LEU A 811 7.87 8.77 -22.79
N ALA A 812 8.00 9.89 -22.05
CA ALA A 812 7.17 11.04 -22.36
C ALA A 812 7.44 11.61 -23.74
N ASP A 813 8.69 11.51 -24.22
CA ASP A 813 9.16 12.15 -25.43
C ASP A 813 9.21 11.21 -26.64
N PHE A 814 8.92 9.92 -26.47
CA PHE A 814 8.91 9.02 -27.62
C PHE A 814 7.80 9.44 -28.58
N VAL A 815 8.10 9.37 -29.88
CA VAL A 815 7.23 9.89 -30.94
C VAL A 815 6.72 8.72 -31.76
N LEU A 816 5.38 8.59 -31.84
CA LEU A 816 4.77 7.54 -32.65
C LEU A 816 3.56 8.08 -33.42
N ILE A 817 3.03 7.25 -34.30
CA ILE A 817 1.80 7.52 -35.03
C ILE A 817 0.64 6.93 -34.22
N ASP A 818 -0.34 7.75 -33.87
CA ASP A 818 -1.43 7.31 -33.01
C ASP A 818 -2.59 6.71 -33.81
N LYS A 819 -3.67 6.40 -33.11
CA LYS A 819 -4.85 5.72 -33.67
C LYS A 819 -5.50 6.46 -34.83
N ASP A 820 -5.20 7.74 -35.01
CA ASP A 820 -5.85 8.55 -36.02
C ASP A 820 -4.90 8.96 -37.14
N GLY A 821 -3.68 8.45 -37.15
CA GLY A 821 -2.70 8.85 -38.12
C GLY A 821 -1.84 10.05 -37.74
N ALA A 822 -2.01 10.57 -36.53
CA ALA A 822 -1.37 11.81 -36.11
C ALA A 822 -0.04 11.57 -35.38
N VAL A 823 0.91 12.49 -35.58
CA VAL A 823 2.13 12.51 -34.80
C VAL A 823 1.79 12.84 -33.35
N LYS A 824 2.20 11.98 -32.43
CA LYS A 824 2.02 12.23 -31.01
C LYS A 824 3.31 11.93 -30.28
N ARG A 825 3.61 12.77 -29.29
CA ARG A 825 4.63 12.47 -28.31
C ARG A 825 4.05 11.50 -27.29
N GLY A 826 4.91 10.59 -26.80
CA GLY A 826 4.54 9.70 -25.72
C GLY A 826 3.62 10.32 -24.70
N SER A 827 3.96 11.53 -24.24
CA SER A 827 3.14 12.20 -23.23
C SER A 827 1.80 12.67 -23.77
N GLU A 828 1.60 12.66 -25.09
CA GLU A 828 0.35 13.13 -25.66
C GLU A 828 -0.71 12.05 -25.82
N ILE A 829 -0.35 10.79 -25.60
CA ILE A 829 -1.35 9.72 -25.56
C ILE A 829 -2.08 9.81 -24.22
N ASP A 830 -3.39 9.98 -24.27
CA ASP A 830 -4.12 10.08 -23.02
C ASP A 830 -4.15 8.75 -22.29
N TYR A 831 -4.06 8.80 -20.98
CA TYR A 831 -4.35 7.65 -20.13
C TYR A 831 -5.19 8.17 -18.97
N ASN A 832 -6.51 8.05 -19.12
CA ASN A 832 -7.48 8.48 -18.11
C ASN A 832 -7.36 9.96 -17.77
N GLY A 833 -6.86 10.76 -18.72
CA GLY A 833 -6.67 12.17 -18.53
C GLY A 833 -5.23 12.55 -18.28
N ALA A 834 -4.47 11.67 -17.62
CA ALA A 834 -3.06 11.94 -17.42
C ALA A 834 -2.32 11.74 -18.73
N PRO A 835 -1.18 12.40 -18.90
CA PRO A 835 -0.27 12.03 -19.98
C PRO A 835 0.13 10.57 -19.85
N GLY A 836 0.11 9.86 -20.97
CA GLY A 836 0.41 8.44 -20.95
C GLY A 836 1.87 8.17 -20.70
N GLY A 837 2.74 8.54 -21.65
CA GLY A 837 4.17 8.47 -21.42
C GLY A 837 4.61 9.49 -20.39
N TYR A 838 5.48 9.06 -19.47
CA TYR A 838 5.87 9.92 -18.36
C TYR A 838 7.33 9.79 -17.96
N ALA A 839 8.11 8.96 -18.64
CA ALA A 839 9.45 8.60 -18.20
C ALA A 839 10.50 9.18 -19.11
N ALA A 840 11.73 9.21 -18.59
CA ALA A 840 12.88 9.66 -19.35
C ALA A 840 13.70 8.50 -19.87
N ASP A 841 13.68 7.36 -19.19
CA ASP A 841 14.38 6.18 -19.63
C ASP A 841 13.50 4.96 -19.37
N PRO A 842 13.65 3.90 -20.15
CA PRO A 842 12.80 2.72 -19.96
C PRO A 842 13.05 2.06 -18.62
N THR A 843 14.27 2.18 -18.08
CA THR A 843 14.60 1.65 -16.76
C THR A 843 13.82 2.31 -15.63
N GLU A 844 13.10 3.41 -15.90
CA GLU A 844 12.21 4.05 -14.93
C GLU A 844 10.79 3.50 -15.00
N VAL A 845 10.54 2.53 -15.86
CA VAL A 845 9.19 2.01 -16.07
C VAL A 845 9.23 0.50 -15.82
N VAL A 846 8.34 0.03 -14.97
CA VAL A 846 8.15 -1.40 -14.74
C VAL A 846 6.82 -1.80 -15.42
N ASN A 847 6.92 -2.52 -16.53
CA ASN A 847 5.74 -3.04 -17.21
C ASN A 847 5.30 -4.38 -16.61
N TYR A 848 3.97 -4.61 -16.61
CA TYR A 848 3.42 -5.88 -16.18
C TYR A 848 1.98 -6.03 -16.64
N VAL A 849 1.51 -7.28 -16.69
CA VAL A 849 0.10 -7.57 -16.92
C VAL A 849 -0.51 -8.40 -15.80
N SER A 850 0.24 -8.65 -14.73
CA SER A 850 -0.28 -9.37 -13.58
C SER A 850 0.64 -9.15 -12.40
N LYS A 851 0.05 -9.17 -11.21
CA LYS A 851 0.72 -8.76 -9.99
C LYS A 851 -0.08 -9.41 -8.86
N HIS A 852 0.50 -9.41 -7.65
CA HIS A 852 -0.17 -10.02 -6.51
C HIS A 852 -1.55 -9.41 -6.28
N ASP A 853 -1.71 -8.12 -6.48
CA ASP A 853 -3.01 -7.50 -6.25
C ASP A 853 -3.81 -7.41 -7.55
N ASN A 854 -5.14 -7.45 -7.40
CA ASN A 854 -6.11 -7.48 -8.49
C ASN A 854 -6.09 -8.87 -9.13
N GLN A 855 -7.05 -9.14 -10.02
CA GLN A 855 -7.24 -10.46 -10.60
C GLN A 855 -6.01 -10.90 -11.38
N THR A 856 -5.73 -12.21 -11.34
CA THR A 856 -4.68 -12.75 -12.18
C THR A 856 -4.98 -12.50 -13.66
N LEU A 857 -3.93 -12.57 -14.47
CA LEU A 857 -4.10 -12.45 -15.92
C LEU A 857 -5.06 -13.50 -16.47
N TRP A 858 -4.93 -14.74 -16.02
CA TRP A 858 -5.82 -15.78 -16.49
C TRP A 858 -7.28 -15.47 -16.14
N ASP A 859 -7.52 -15.01 -14.92
CA ASP A 859 -8.89 -14.70 -14.53
C ASP A 859 -9.43 -13.51 -15.30
N MET A 860 -8.59 -12.54 -15.66
CA MET A 860 -9.05 -11.46 -16.51
C MET A 860 -9.41 -11.96 -17.90
N ILE A 861 -8.59 -12.86 -18.46
CA ILE A 861 -8.86 -13.41 -19.79
C ILE A 861 -10.17 -14.20 -19.78
N SER A 862 -10.46 -14.88 -18.66
CA SER A 862 -11.72 -15.63 -18.54
C SER A 862 -12.92 -14.71 -18.43
N TYR A 863 -12.77 -13.58 -17.72
CA TYR A 863 -13.84 -12.58 -17.70
C TYR A 863 -14.14 -12.06 -19.10
N LYS A 864 -13.12 -11.92 -19.94
CA LYS A 864 -13.22 -11.10 -21.14
C LYS A 864 -13.24 -11.87 -22.46
N ALA A 865 -12.83 -13.13 -22.50
CA ALA A 865 -12.68 -13.81 -23.78
C ALA A 865 -14.05 -14.21 -24.32
N ALA A 866 -14.23 -14.02 -25.63
CA ALA A 866 -15.45 -14.44 -26.30
C ALA A 866 -15.66 -15.94 -26.11
N GLN A 867 -16.93 -16.36 -26.11
CA GLN A 867 -17.28 -17.78 -25.98
C GLN A 867 -16.55 -18.64 -27.01
N GLU A 868 -16.31 -18.11 -28.22
CA GLU A 868 -15.71 -18.91 -29.27
C GLU A 868 -14.20 -19.11 -29.12
N ALA A 869 -13.54 -18.43 -28.17
CA ALA A 869 -12.12 -18.68 -27.94
C ALA A 869 -11.99 -19.97 -27.14
N ASP A 870 -11.44 -21.02 -27.75
CA ASP A 870 -11.32 -22.28 -27.05
C ASP A 870 -10.10 -22.23 -26.12
N LEU A 871 -9.91 -23.31 -25.34
CA LEU A 871 -8.88 -23.28 -24.30
C LEU A 871 -7.51 -22.95 -24.88
N ASP A 872 -7.14 -23.58 -26.00
CA ASP A 872 -5.83 -23.33 -26.59
C ASP A 872 -5.67 -21.86 -26.97
N THR A 873 -6.74 -21.24 -27.48
CA THR A 873 -6.69 -19.83 -27.84
C THR A 873 -6.48 -18.95 -26.60
N ARG A 874 -7.10 -19.31 -25.46
CA ARG A 874 -6.92 -18.54 -24.23
C ARG A 874 -5.50 -18.66 -23.71
N VAL A 875 -4.91 -19.86 -23.79
CA VAL A 875 -3.49 -19.98 -23.48
C VAL A 875 -2.66 -19.06 -24.35
N ARG A 876 -3.01 -18.92 -25.65
CA ARG A 876 -2.22 -18.02 -26.46
C ARG A 876 -2.49 -16.56 -26.12
N MET A 877 -3.72 -16.23 -25.71
CA MET A 877 -4.00 -14.90 -25.21
C MET A 877 -3.12 -14.55 -24.00
N GLN A 878 -2.90 -15.53 -23.11
CA GLN A 878 -2.01 -15.30 -21.99
C GLN A 878 -0.58 -14.97 -22.45
N ALA A 879 -0.03 -15.81 -23.35
CA ALA A 879 1.35 -15.59 -23.82
C ALA A 879 1.47 -14.29 -24.63
N VAL A 880 0.45 -14.00 -25.44
CA VAL A 880 0.43 -12.76 -26.20
C VAL A 880 0.41 -11.56 -25.25
N SER A 881 -0.39 -11.64 -24.18
CA SER A 881 -0.41 -10.56 -23.20
C SER A 881 0.96 -10.39 -22.56
N LEU A 882 1.55 -11.48 -22.11
CA LEU A 882 2.87 -11.41 -21.50
C LEU A 882 3.95 -11.01 -22.50
N ALA A 883 3.75 -11.24 -23.81
CA ALA A 883 4.79 -10.88 -24.77
C ALA A 883 4.96 -9.39 -24.85
N THR A 884 3.88 -8.62 -24.61
CA THR A 884 4.00 -7.18 -24.67
C THR A 884 4.94 -6.68 -23.58
N VAL A 885 5.01 -7.42 -22.48
CA VAL A 885 5.88 -7.05 -21.36
C VAL A 885 7.29 -7.57 -21.61
N MET A 886 7.38 -8.87 -21.89
CA MET A 886 8.68 -9.53 -22.04
C MET A 886 9.50 -8.99 -23.21
N LEU A 887 8.87 -8.51 -24.27
CA LEU A 887 9.60 -8.04 -25.44
C LEU A 887 9.66 -6.52 -25.50
N GLY A 888 9.20 -5.82 -24.44
CA GLY A 888 9.26 -4.38 -24.37
C GLY A 888 10.55 -3.87 -23.70
N GLN A 889 10.76 -2.55 -23.84
CA GLN A 889 11.98 -1.90 -23.36
C GLN A 889 11.92 -1.62 -21.86
N GLY A 890 10.72 -1.48 -21.29
CA GLY A 890 10.60 -1.31 -19.87
C GLY A 890 11.08 -2.52 -19.10
N ILE A 891 11.44 -2.30 -17.84
CA ILE A 891 11.72 -3.43 -16.95
C ILE A 891 10.52 -4.36 -16.93
N ALA A 892 10.78 -5.66 -17.04
CA ALA A 892 9.73 -6.68 -17.12
C ALA A 892 9.40 -7.27 -15.74
N PHE A 893 8.12 -7.22 -15.36
CA PHE A 893 7.65 -7.68 -14.06
C PHE A 893 6.47 -8.60 -14.24
N ASP A 894 6.43 -9.67 -13.44
CA ASP A 894 5.33 -10.63 -13.54
C ASP A 894 5.05 -11.33 -12.21
N GLN A 895 3.79 -11.71 -12.05
CA GLN A 895 3.36 -12.49 -10.90
C GLN A 895 3.82 -13.94 -11.02
N GLN A 896 4.34 -14.46 -9.91
CA GLN A 896 4.62 -15.90 -9.77
C GLN A 896 3.43 -16.73 -10.23
N GLY A 897 3.69 -17.66 -11.15
CA GLY A 897 2.65 -18.53 -11.65
C GLY A 897 1.95 -18.10 -12.93
N SER A 898 2.24 -16.92 -13.45
CA SER A 898 1.67 -16.57 -14.76
C SER A 898 2.06 -17.60 -15.82
N GLU A 899 3.26 -18.19 -15.70
CA GLU A 899 3.69 -19.22 -16.63
C GLU A 899 2.90 -20.51 -16.44
N LEU A 900 2.13 -20.61 -15.36
CA LEU A 900 1.24 -21.73 -15.07
C LEU A 900 -0.22 -21.33 -15.16
N LEU A 901 -0.52 -20.26 -15.91
CA LEU A 901 -1.89 -19.79 -16.10
C LEU A 901 -2.58 -19.51 -14.77
N ARG A 902 -1.81 -19.11 -13.76
CA ARG A 902 -2.29 -19.02 -12.38
C ARG A 902 -3.65 -18.36 -12.31
N SER A 903 -4.53 -19.00 -11.54
CA SER A 903 -5.86 -18.51 -11.24
C SER A 903 -6.05 -18.39 -9.73
N LYS A 904 -6.93 -17.48 -9.31
CA LYS A 904 -7.35 -17.36 -7.92
C LYS A 904 -8.85 -17.55 -7.78
N SER A 905 -9.47 -18.27 -8.71
CA SER A 905 -10.91 -18.53 -8.70
C SER A 905 -11.70 -17.24 -8.76
N PHE A 906 -11.17 -16.26 -9.50
CA PHE A 906 -11.68 -14.90 -9.69
C PHE A 906 -11.51 -13.97 -8.47
N THR A 907 -10.83 -14.41 -7.41
CA THR A 907 -10.52 -13.53 -6.28
C THR A 907 -9.74 -12.31 -6.76
N ARG A 908 -10.28 -11.11 -6.52
N ARG A 908 -10.27 -11.12 -6.45
CA ARG A 908 -9.52 -9.94 -6.92
CA ARG A 908 -9.61 -9.90 -6.91
C ARG A 908 -8.45 -9.58 -5.88
C ARG A 908 -8.65 -9.31 -5.89
N ASP A 909 -8.79 -9.64 -4.60
CA ASP A 909 -7.91 -9.12 -3.55
C ASP A 909 -7.67 -10.24 -2.54
N SER A 910 -6.61 -11.02 -2.79
CA SER A 910 -6.41 -12.29 -2.13
C SER A 910 -5.49 -12.22 -0.93
N TYR A 911 -5.22 -11.01 -0.40
CA TYR A 911 -4.22 -10.84 0.66
C TYR A 911 -4.46 -11.73 1.87
N ASP A 912 -5.72 -12.07 2.14
CA ASP A 912 -6.05 -12.87 3.31
C ASP A 912 -6.86 -14.11 2.92
N SER A 913 -6.78 -14.52 1.64
CA SER A 913 -7.59 -15.62 1.13
C SER A 913 -6.93 -16.98 1.30
N GLY A 914 -5.79 -17.05 1.99
CA GLY A 914 -5.22 -18.32 2.42
C GLY A 914 -4.57 -19.14 1.31
N ASP A 915 -4.10 -20.32 1.72
CA ASP A 915 -3.52 -21.29 0.78
C ASP A 915 -4.49 -21.66 -0.32
N TRP A 916 -5.78 -21.71 -0.02
CA TRP A 916 -6.74 -22.31 -0.95
C TRP A 916 -6.83 -21.50 -2.24
N PHE A 917 -7.07 -20.19 -2.12
CA PHE A 917 -7.25 -19.39 -3.33
C PHE A 917 -5.92 -18.93 -3.93
N ASN A 918 -4.84 -18.94 -3.15
CA ASN A 918 -3.54 -18.49 -3.63
C ASN A 918 -2.65 -19.65 -4.08
N ARG A 919 -3.20 -20.86 -4.10
CA ARG A 919 -2.48 -22.07 -4.50
C ARG A 919 -1.80 -21.92 -5.86
N VAL A 920 -0.56 -22.41 -5.94
CA VAL A 920 0.16 -22.59 -7.19
C VAL A 920 0.69 -24.02 -7.19
N ASP A 921 0.28 -24.81 -8.19
CA ASP A 921 0.52 -26.25 -8.21
C ASP A 921 1.73 -26.56 -9.08
N TYR A 922 2.89 -26.72 -8.46
CA TYR A 922 4.11 -27.08 -9.18
C TYR A 922 4.14 -28.56 -9.55
N SER A 923 3.12 -29.35 -9.21
CA SER A 923 2.97 -30.66 -9.83
C SER A 923 2.23 -30.57 -11.17
N LEU A 924 1.73 -29.38 -11.53
CA LEU A 924 1.20 -29.05 -12.86
C LEU A 924 -0.07 -29.81 -13.21
N GLN A 925 -0.93 -30.04 -12.21
CA GLN A 925 -2.21 -30.71 -12.44
C GLN A 925 -3.30 -29.74 -12.87
N ASP A 926 -3.30 -28.52 -12.33
CA ASP A 926 -4.26 -27.51 -12.76
C ASP A 926 -3.74 -26.13 -12.36
N ASN A 927 -4.48 -25.08 -12.75
CA ASN A 927 -4.04 -23.70 -12.53
C ASN A 927 -4.78 -23.04 -11.37
N ASN A 928 -5.48 -23.82 -10.55
CA ASN A 928 -6.30 -23.36 -9.44
C ASN A 928 -7.55 -22.63 -9.89
N TYR A 929 -7.97 -22.78 -11.14
CA TYR A 929 -9.22 -22.19 -11.60
C TYR A 929 -10.40 -23.03 -11.12
N ASN A 930 -11.53 -22.37 -10.85
CA ASN A 930 -12.79 -23.04 -10.54
C ASN A 930 -12.63 -23.96 -9.32
N VAL A 931 -12.17 -23.37 -8.21
CA VAL A 931 -12.07 -24.06 -6.93
C VAL A 931 -13.02 -23.47 -5.90
N GLY A 932 -14.00 -22.70 -6.33
CA GLY A 932 -15.04 -22.16 -5.47
C GLY A 932 -15.25 -20.71 -5.81
N MET A 933 -16.43 -20.20 -5.47
CA MET A 933 -16.68 -18.77 -5.64
C MET A 933 -15.75 -17.96 -4.72
N PRO A 934 -15.18 -16.86 -5.22
CA PRO A 934 -14.29 -16.04 -4.37
C PRO A 934 -15.08 -15.36 -3.26
N ARG A 935 -14.35 -14.74 -2.33
CA ARG A 935 -14.97 -14.23 -1.11
C ARG A 935 -15.96 -13.11 -1.40
N SER A 936 -17.16 -13.22 -0.82
CA SER A 936 -18.27 -12.36 -1.18
C SER A 936 -18.10 -10.93 -0.68
N SER A 937 -17.34 -10.76 0.41
CA SER A 937 -17.10 -9.42 0.95
C SER A 937 -16.45 -8.50 -0.07
N ASP A 938 -15.61 -9.05 -0.95
CA ASP A 938 -14.96 -8.22 -1.96
C ASP A 938 -15.37 -8.54 -3.40
N ASP A 939 -15.81 -9.77 -3.69
CA ASP A 939 -16.21 -10.12 -5.04
C ASP A 939 -17.67 -10.52 -5.15
N GLY A 940 -18.49 -10.27 -4.12
CA GLY A 940 -19.88 -10.67 -4.18
C GLY A 940 -20.65 -9.99 -5.31
N SER A 941 -20.34 -8.74 -5.58
CA SER A 941 -21.03 -8.02 -6.64
C SER A 941 -20.52 -8.41 -8.03
N ASN A 942 -19.81 -9.54 -8.12
CA ASN A 942 -19.31 -10.09 -9.36
C ASN A 942 -19.77 -11.54 -9.55
N TYR A 943 -20.51 -12.09 -8.59
CA TYR A 943 -20.92 -13.48 -8.68
C TYR A 943 -21.75 -13.74 -9.94
N ASP A 944 -22.55 -12.76 -10.36
CA ASP A 944 -23.40 -12.90 -11.54
C ASP A 944 -22.56 -13.09 -12.79
N ILE A 945 -21.68 -12.12 -13.06
CA ILE A 945 -20.82 -12.19 -14.23
C ILE A 945 -19.89 -13.41 -14.12
N ILE A 946 -19.41 -13.73 -12.92
CA ILE A 946 -18.58 -14.91 -12.73
C ILE A 946 -19.33 -16.17 -13.14
N ALA A 947 -20.58 -16.30 -12.69
CA ALA A 947 -21.36 -17.49 -13.03
C ALA A 947 -21.59 -17.59 -14.53
N ARG A 948 -21.72 -16.45 -15.20
N ARG A 948 -21.81 -16.44 -15.18
CA ARG A 948 -21.98 -16.49 -16.63
CA ARG A 948 -21.95 -16.41 -16.64
C ARG A 948 -20.74 -16.89 -17.42
C ARG A 948 -20.72 -17.01 -17.32
N VAL A 949 -19.54 -16.47 -17.00
CA VAL A 949 -18.35 -16.73 -17.80
C VAL A 949 -17.57 -17.97 -17.35
N LYS A 950 -17.83 -18.49 -16.14
CA LYS A 950 -16.85 -19.35 -15.50
C LYS A 950 -16.57 -20.61 -16.32
N ASP A 951 -17.61 -21.21 -16.89
CA ASP A 951 -17.51 -22.55 -17.43
C ASP A 951 -17.45 -22.59 -18.96
N ALA A 952 -17.07 -21.48 -19.60
CA ALA A 952 -17.01 -21.43 -21.07
C ALA A 952 -16.11 -22.52 -21.64
N VAL A 953 -14.98 -22.80 -21.00
CA VAL A 953 -14.07 -23.83 -21.50
C VAL A 953 -13.59 -24.66 -20.32
N ALA A 954 -12.87 -25.75 -20.66
CA ALA A 954 -12.31 -26.63 -19.65
C ALA A 954 -11.24 -25.92 -18.82
N THR A 955 -10.96 -26.48 -17.64
CA THR A 955 -9.92 -25.92 -16.77
C THR A 955 -8.55 -26.41 -17.23
N PRO A 956 -7.55 -25.54 -17.32
CA PRO A 956 -6.21 -25.99 -17.71
C PRO A 956 -5.73 -27.16 -16.88
N GLY A 957 -5.23 -28.17 -17.57
CA GLY A 957 -4.59 -29.30 -16.93
C GLY A 957 -3.15 -29.35 -17.36
N GLU A 958 -2.52 -30.52 -17.19
CA GLU A 958 -1.07 -30.60 -17.32
C GLU A 958 -0.58 -30.20 -18.70
N THR A 959 -1.35 -30.52 -19.74
CA THR A 959 -0.89 -30.22 -21.09
C THR A 959 -0.86 -28.73 -21.33
N GLU A 960 -1.85 -27.99 -20.84
CA GLU A 960 -1.85 -26.55 -21.03
C GLU A 960 -0.75 -25.88 -20.21
N LEU A 961 -0.53 -26.35 -18.97
CA LEU A 961 0.48 -25.74 -18.12
C LEU A 961 1.88 -25.89 -18.70
N LYS A 962 2.19 -27.08 -19.25
CA LYS A 962 3.52 -27.23 -19.85
C LYS A 962 3.68 -26.37 -21.08
N GLN A 963 2.59 -26.19 -21.83
CA GLN A 963 2.65 -25.38 -23.04
C GLN A 963 2.85 -23.91 -22.68
N MET A 964 2.10 -23.43 -21.67
CA MET A 964 2.29 -22.06 -21.17
C MET A 964 3.72 -21.87 -20.65
N THR A 965 4.24 -22.85 -19.94
CA THR A 965 5.59 -22.69 -19.41
C THR A 965 6.62 -22.62 -20.54
N ALA A 966 6.49 -23.49 -21.55
CA ALA A 966 7.33 -23.37 -22.73
C ALA A 966 7.16 -22.01 -23.41
N PHE A 967 5.90 -21.57 -23.62
CA PHE A 967 5.65 -20.24 -24.19
C PHE A 967 6.38 -19.17 -23.40
N TYR A 968 6.31 -19.26 -22.07
CA TYR A 968 6.86 -18.22 -21.19
C TYR A 968 8.39 -18.21 -21.22
N GLN A 969 9.01 -19.38 -21.08
CA GLN A 969 10.47 -19.47 -21.21
C GLN A 969 10.94 -19.01 -22.59
N GLU A 970 10.21 -19.38 -23.66
CA GLU A 970 10.52 -18.87 -24.99
C GLU A 970 10.51 -17.34 -25.01
N LEU A 971 9.52 -16.73 -24.36
CA LEU A 971 9.46 -15.26 -24.30
C LEU A 971 10.65 -14.68 -23.53
N THR A 972 10.99 -15.27 -22.38
CA THR A 972 12.10 -14.69 -21.62
C THR A 972 13.45 -14.98 -22.30
N ALA A 973 13.60 -16.14 -22.97
CA ALA A 973 14.83 -16.36 -23.72
C ALA A 973 15.00 -15.32 -24.83
N LEU A 974 13.88 -14.97 -25.48
CA LEU A 974 13.92 -13.94 -26.51
C LEU A 974 14.36 -12.60 -25.92
N ARG A 975 13.87 -12.26 -24.73
CA ARG A 975 14.17 -10.95 -24.14
C ARG A 975 15.67 -10.77 -23.93
N LYS A 976 16.35 -11.79 -23.42
CA LYS A 976 17.79 -11.69 -23.21
C LYS A 976 18.62 -12.15 -24.40
N SER A 977 17.99 -12.50 -25.53
CA SER A 977 18.78 -12.98 -26.65
C SER A 977 19.52 -11.86 -27.38
N SER A 978 19.23 -10.59 -27.06
CA SER A 978 19.88 -9.52 -27.79
C SER A 978 19.86 -8.26 -26.94
N PRO A 979 20.94 -7.48 -26.94
CA PRO A 979 20.91 -6.19 -26.25
C PRO A 979 19.85 -5.26 -26.80
N LEU A 980 19.37 -5.51 -28.03
CA LEU A 980 18.43 -4.57 -28.64
C LEU A 980 17.12 -4.51 -27.89
N PHE A 981 16.70 -5.60 -27.24
CA PHE A 981 15.46 -5.57 -26.45
C PHE A 981 15.57 -4.69 -25.22
N THR A 982 16.79 -4.41 -24.74
CA THR A 982 16.98 -3.76 -23.44
C THR A 982 18.02 -2.63 -23.56
N LEU A 983 17.66 -1.58 -24.29
CA LEU A 983 18.59 -0.51 -24.62
C LEU A 983 18.95 0.33 -23.41
N GLY A 984 18.12 0.36 -22.39
CA GLY A 984 18.44 1.11 -21.17
C GLY A 984 18.23 2.61 -21.23
N ASP A 985 18.77 3.27 -22.25
CA ASP A 985 18.75 4.72 -22.30
C ASP A 985 17.58 5.24 -23.13
N GLY A 986 16.89 6.25 -22.61
CA GLY A 986 15.73 6.81 -23.28
C GLY A 986 16.05 7.38 -24.66
N ALA A 987 17.17 8.09 -24.79
CA ALA A 987 17.52 8.62 -26.10
C ALA A 987 17.91 7.52 -27.06
N THR A 988 18.52 6.45 -26.56
CA THR A 988 18.84 5.30 -27.41
C THR A 988 17.59 4.59 -27.90
N VAL A 989 16.56 4.51 -27.05
CA VAL A 989 15.27 3.96 -27.49
C VAL A 989 14.71 4.80 -28.62
N MET A 990 14.70 6.13 -28.42
CA MET A 990 14.12 7.05 -29.39
C MET A 990 14.80 6.95 -30.74
N LYS A 991 16.09 6.64 -30.77
CA LYS A 991 16.79 6.62 -32.02
C LYS A 991 16.80 5.24 -32.68
N ARG A 992 16.17 4.24 -32.06
CA ARG A 992 16.25 2.88 -32.59
C ARG A 992 14.93 2.14 -32.62
N VAL A 993 13.89 2.62 -31.96
CA VAL A 993 12.65 1.89 -31.79
C VAL A 993 11.58 2.58 -32.60
N ASP A 994 10.95 1.83 -33.52
CA ASP A 994 9.86 2.33 -34.32
C ASP A 994 8.77 1.27 -34.40
N PHE A 995 7.69 1.61 -35.09
CA PHE A 995 6.52 0.76 -35.22
C PHE A 995 5.97 0.83 -36.63
N ARG A 996 5.54 -0.31 -37.16
CA ARG A 996 4.73 -0.39 -38.37
C ARG A 996 3.28 -0.71 -37.99
N ASN A 997 2.39 -0.74 -39.00
CA ASN A 997 0.96 -1.01 -38.81
C ASN A 997 0.35 -0.03 -37.80
N THR A 998 0.51 1.26 -38.08
CA THR A 998 -0.02 2.33 -37.25
C THR A 998 -1.08 3.12 -38.02
N GLY A 999 -1.76 4.01 -37.33
CA GLY A 999 -2.73 4.85 -38.00
C GLY A 999 -4.11 4.23 -38.08
N ALA A 1000 -5.01 4.96 -38.74
CA ALA A 1000 -6.44 4.68 -38.63
C ALA A 1000 -6.85 3.43 -39.40
N ASP A 1001 -6.08 2.99 -40.39
CA ASP A 1001 -6.34 1.74 -41.10
C ASP A 1001 -5.35 0.65 -40.75
N GLN A 1002 -4.75 0.72 -39.56
CA GLN A 1002 -3.93 -0.38 -39.07
C GLN A 1002 -4.78 -1.65 -39.03
N GLN A 1003 -4.15 -2.78 -39.27
CA GLN A 1003 -4.78 -4.06 -38.93
C GLN A 1003 -4.92 -4.17 -37.41
N THR A 1004 -6.14 -4.16 -36.91
CA THR A 1004 -6.35 -4.08 -35.47
C THR A 1004 -5.70 -5.26 -34.74
N GLY A 1005 -5.04 -4.96 -33.62
CA GLY A 1005 -4.43 -5.97 -32.80
C GLY A 1005 -3.06 -6.44 -33.24
N LEU A 1006 -2.59 -6.05 -34.42
CA LEU A 1006 -1.27 -6.47 -34.89
C LEU A 1006 -0.23 -5.44 -34.42
N LEU A 1007 0.66 -5.87 -33.53
CA LEU A 1007 1.70 -5.03 -32.98
C LEU A 1007 3.01 -5.36 -33.69
N VAL A 1008 3.61 -4.37 -34.34
CA VAL A 1008 4.86 -4.56 -35.08
C VAL A 1008 5.87 -3.51 -34.63
N MET A 1009 6.91 -3.93 -33.93
CA MET A 1009 7.95 -3.04 -33.44
C MET A 1009 9.25 -3.36 -34.16
N THR A 1010 10.00 -2.32 -34.52
CA THR A 1010 11.33 -2.52 -35.11
C THR A 1010 12.38 -1.93 -34.20
N ILE A 1011 13.51 -2.61 -34.09
CA ILE A 1011 14.63 -2.13 -33.29
C ILE A 1011 15.84 -2.03 -34.22
N ASP A 1012 16.28 -0.81 -34.47
CA ASP A 1012 17.33 -0.53 -35.43
C ASP A 1012 18.70 -0.93 -34.89
N ASP A 1013 19.45 -1.73 -35.65
CA ASP A 1013 20.88 -1.87 -35.39
C ASP A 1013 21.70 -1.56 -36.64
N GLY A 1014 21.32 -0.51 -37.36
CA GLY A 1014 22.05 -0.02 -38.51
C GLY A 1014 22.49 1.42 -38.31
N MET A 1015 23.24 1.91 -39.31
CA MET A 1015 24.10 3.05 -39.05
C MET A 1015 23.35 4.36 -38.81
N GLN A 1016 22.12 4.51 -39.30
N GLN A 1016 22.11 4.50 -39.28
CA GLN A 1016 21.44 5.79 -39.03
CA GLN A 1016 21.34 5.72 -39.01
C GLN A 1016 20.96 5.92 -37.58
C GLN A 1016 21.29 6.04 -37.52
N ALA A 1017 21.30 5.01 -36.67
CA ALA A 1017 21.03 5.19 -35.26
C ALA A 1017 22.29 5.20 -34.40
N GLY A 1018 23.35 4.55 -34.85
CA GLY A 1018 24.58 4.49 -34.11
C GLY A 1018 25.33 3.21 -34.43
N ALA A 1019 26.12 2.77 -33.45
CA ALA A 1019 26.90 1.55 -33.57
C ALA A 1019 26.02 0.30 -33.45
N SER A 1020 26.59 -0.84 -33.85
CA SER A 1020 25.93 -2.13 -33.79
C SER A 1020 26.09 -2.75 -32.41
N LEU A 1021 25.08 -2.59 -31.55
CA LEU A 1021 25.07 -3.21 -30.22
C LEU A 1021 25.04 -4.73 -30.30
N ASP A 1022 24.55 -5.28 -31.40
CA ASP A 1022 24.42 -6.72 -31.59
C ASP A 1022 25.24 -7.10 -32.81
N SER A 1023 26.22 -7.97 -32.61
CA SER A 1023 27.01 -8.41 -33.76
C SER A 1023 26.19 -9.28 -34.71
N ARG A 1024 25.14 -9.92 -34.21
CA ARG A 1024 24.44 -10.93 -34.99
C ARG A 1024 23.47 -10.35 -35.99
N VAL A 1025 22.88 -9.19 -35.70
CA VAL A 1025 21.75 -8.70 -36.47
C VAL A 1025 21.92 -7.22 -36.75
N ASP A 1026 21.34 -6.77 -37.86
CA ASP A 1026 21.24 -5.35 -38.15
C ASP A 1026 19.90 -4.77 -37.74
N GLY A 1027 18.98 -5.60 -37.29
CA GLY A 1027 17.68 -5.14 -36.84
C GLY A 1027 16.88 -6.30 -36.30
N ILE A 1028 15.89 -5.97 -35.49
CA ILE A 1028 14.95 -6.96 -34.97
C ILE A 1028 13.54 -6.46 -35.23
N VAL A 1029 12.67 -7.38 -35.62
CA VAL A 1029 11.24 -7.13 -35.77
C VAL A 1029 10.50 -7.96 -34.74
N VAL A 1030 9.72 -7.29 -33.90
CA VAL A 1030 8.82 -7.94 -32.96
C VAL A 1030 7.41 -7.80 -33.52
N ALA A 1031 6.71 -8.92 -33.68
CA ALA A 1031 5.38 -8.94 -34.27
C ALA A 1031 4.47 -9.75 -33.36
N ILE A 1032 3.48 -9.09 -32.77
CA ILE A 1032 2.52 -9.75 -31.90
C ILE A 1032 1.18 -9.60 -32.60
N ASN A 1033 0.63 -10.70 -33.06
CA ASN A 1033 -0.62 -10.65 -33.80
C ASN A 1033 -1.68 -11.13 -32.82
N ALA A 1034 -2.22 -10.20 -32.04
CA ALA A 1034 -3.30 -10.50 -31.09
C ALA A 1034 -4.64 -10.40 -31.80
N ALA A 1035 -4.91 -11.40 -32.66
CA ALA A 1035 -6.07 -11.36 -33.52
C ALA A 1035 -6.41 -12.77 -34.00
N PRO A 1036 -7.69 -13.05 -34.27
CA PRO A 1036 -8.08 -14.37 -34.78
C PRO A 1036 -7.77 -14.60 -36.27
N GLU A 1037 -7.30 -13.59 -36.99
CA GLU A 1037 -6.97 -13.75 -38.40
C GLU A 1037 -5.47 -13.84 -38.58
N SER A 1038 -5.07 -14.64 -39.55
CA SER A 1038 -3.69 -14.59 -40.01
C SER A 1038 -3.46 -13.31 -40.81
N ARG A 1039 -2.24 -12.80 -40.74
CA ARG A 1039 -1.91 -11.49 -41.27
C ARG A 1039 -0.58 -11.58 -42.00
N THR A 1040 -0.41 -10.73 -43.00
CA THR A 1040 0.78 -10.74 -43.84
C THR A 1040 1.46 -9.37 -43.78
N LEU A 1041 2.77 -9.38 -43.58
CA LEU A 1041 3.54 -8.15 -43.51
C LEU A 1041 4.30 -7.97 -44.82
N GLN A 1042 4.15 -6.80 -45.42
CA GLN A 1042 4.92 -6.42 -46.59
C GLN A 1042 5.92 -5.32 -46.28
N ASP A 1043 5.91 -4.80 -45.05
CA ASP A 1043 6.79 -3.71 -44.68
C ASP A 1043 8.26 -4.06 -44.82
N PHE A 1044 8.59 -5.35 -44.93
CA PHE A 1044 9.98 -5.78 -44.94
C PHE A 1044 10.32 -6.57 -46.19
N ALA A 1045 9.48 -6.47 -47.23
CA ALA A 1045 9.77 -7.19 -48.48
C ALA A 1045 11.06 -6.68 -49.08
N GLY A 1046 11.84 -7.62 -49.65
CA GLY A 1046 13.13 -7.30 -50.19
C GLY A 1046 14.30 -7.46 -49.24
N THR A 1047 14.08 -7.31 -47.93
CA THR A 1047 15.18 -7.55 -46.99
C THR A 1047 15.30 -9.04 -46.67
N SER A 1048 16.42 -9.40 -46.04
CA SER A 1048 16.77 -10.78 -45.75
C SER A 1048 16.17 -11.27 -44.43
N LEU A 1049 15.00 -10.74 -44.05
CA LEU A 1049 14.35 -11.07 -42.78
C LEU A 1049 14.27 -12.58 -42.56
N GLN A 1050 14.53 -13.01 -41.33
CA GLN A 1050 14.39 -14.42 -40.98
C GLN A 1050 14.03 -14.59 -39.51
N LEU A 1051 13.32 -15.69 -39.24
CA LEU A 1051 12.84 -16.00 -37.90
C LEU A 1051 13.99 -16.29 -36.95
N SER A 1052 13.89 -15.75 -35.73
CA SER A 1052 14.90 -15.98 -34.69
C SER A 1052 15.11 -17.47 -34.46
N ALA A 1053 16.36 -17.83 -34.15
CA ALA A 1053 16.71 -19.23 -34.02
C ALA A 1053 16.02 -19.88 -32.82
N ILE A 1054 15.81 -19.12 -31.73
CA ILE A 1054 15.07 -19.64 -30.57
C ILE A 1054 13.71 -20.16 -30.99
N GLN A 1055 12.97 -19.35 -31.77
CA GLN A 1055 11.64 -19.78 -32.16
C GLN A 1055 11.69 -20.94 -33.14
N GLN A 1056 12.65 -20.91 -34.10
CA GLN A 1056 12.81 -22.05 -35.00
C GLN A 1056 13.12 -23.33 -34.23
N ALA A 1057 13.85 -23.23 -33.13
CA ALA A 1057 14.18 -24.42 -32.34
C ALA A 1057 12.99 -24.94 -31.55
N ALA A 1058 12.08 -24.07 -31.12
CA ALA A 1058 10.90 -24.55 -30.41
C ALA A 1058 9.93 -25.30 -31.32
N GLY A 1059 10.03 -25.11 -32.64
CA GLY A 1059 9.27 -25.95 -33.56
C GLY A 1059 7.76 -25.81 -33.39
N ASP A 1060 7.10 -26.97 -33.28
CA ASP A 1060 5.65 -26.97 -33.14
C ASP A 1060 5.19 -26.34 -31.83
N ARG A 1061 6.08 -26.23 -30.85
CA ARG A 1061 5.74 -25.63 -29.57
C ARG A 1061 5.96 -24.12 -29.54
N SER A 1062 6.49 -23.52 -30.60
CA SER A 1062 6.80 -22.09 -30.60
C SER A 1062 5.55 -21.22 -30.64
N LEU A 1063 5.67 -20.01 -30.06
CA LEU A 1063 4.63 -18.99 -30.23
C LEU A 1063 4.52 -18.56 -31.68
N ALA A 1064 5.56 -18.81 -32.48
CA ALA A 1064 5.61 -18.51 -33.91
C ALA A 1064 5.45 -19.76 -34.77
N SER A 1065 4.90 -20.85 -34.21
CA SER A 1065 4.70 -22.06 -35.02
C SER A 1065 3.81 -21.75 -36.21
N GLY A 1066 4.26 -22.12 -37.41
CA GLY A 1066 3.53 -21.83 -38.61
C GLY A 1066 3.81 -20.48 -39.24
N VAL A 1067 4.70 -19.67 -38.67
CA VAL A 1067 5.09 -18.44 -39.34
C VAL A 1067 5.79 -18.79 -40.64
N GLN A 1068 5.50 -18.02 -41.69
CA GLN A 1068 6.09 -18.22 -43.01
C GLN A 1068 6.85 -16.97 -43.43
N VAL A 1069 8.11 -17.12 -43.79
CA VAL A 1069 8.86 -16.05 -44.45
C VAL A 1069 9.04 -16.44 -45.90
N ALA A 1070 8.44 -15.66 -46.80
CA ALA A 1070 8.56 -15.91 -48.23
C ALA A 1070 9.91 -15.43 -48.75
N ALA A 1071 10.22 -15.90 -49.96
CA ALA A 1071 11.47 -15.51 -50.61
C ALA A 1071 11.63 -14.00 -50.68
N ASP A 1072 10.55 -13.30 -51.04
CA ASP A 1072 10.60 -11.84 -51.17
C ASP A 1072 10.58 -11.10 -49.84
N GLY A 1073 10.55 -11.79 -48.70
CA GLY A 1073 10.60 -11.12 -47.41
C GLY A 1073 9.25 -10.75 -46.83
N SER A 1074 8.16 -11.15 -47.46
CA SER A 1074 6.86 -11.00 -46.84
C SER A 1074 6.66 -12.09 -45.79
N VAL A 1075 6.05 -11.70 -44.67
CA VAL A 1075 5.90 -12.57 -43.51
C VAL A 1075 4.41 -12.79 -43.26
N THR A 1076 4.00 -14.05 -43.13
CA THR A 1076 2.65 -14.42 -42.74
C THR A 1076 2.64 -14.87 -41.29
N LEU A 1077 1.76 -14.26 -40.50
CA LEU A 1077 1.70 -14.50 -39.07
C LEU A 1077 0.43 -15.27 -38.75
N PRO A 1078 0.50 -16.38 -38.02
CA PRO A 1078 -0.73 -17.06 -37.62
C PRO A 1078 -1.54 -16.21 -36.65
N ALA A 1079 -2.83 -16.54 -36.53
CA ALA A 1079 -3.65 -15.98 -35.48
C ALA A 1079 -2.98 -16.20 -34.12
N TRP A 1080 -3.07 -15.19 -33.25
CA TRP A 1080 -2.66 -15.30 -31.84
C TRP A 1080 -1.20 -15.77 -31.69
N SER A 1081 -0.30 -15.07 -32.37
CA SER A 1081 1.09 -15.49 -32.44
C SER A 1081 2.04 -14.36 -32.06
N VAL A 1082 3.26 -14.75 -31.76
CA VAL A 1082 4.37 -13.85 -31.47
C VAL A 1082 5.56 -14.30 -32.31
N ALA A 1083 6.09 -13.40 -33.12
CA ALA A 1083 7.22 -13.73 -33.98
C ALA A 1083 8.31 -12.68 -33.81
N VAL A 1084 9.54 -13.15 -33.61
CA VAL A 1084 10.70 -12.28 -33.50
C VAL A 1084 11.55 -12.56 -34.73
N LEU A 1085 11.70 -11.57 -35.58
CA LEU A 1085 12.46 -11.71 -36.82
C LEU A 1085 13.70 -10.83 -36.76
N GLU A 1086 14.74 -11.23 -37.49
CA GLU A 1086 16.03 -10.54 -37.51
C GLU A 1086 16.54 -10.40 -38.94
N LEU A 1087 17.33 -9.35 -39.18
CA LEU A 1087 18.14 -9.30 -40.40
C LEU A 1087 19.55 -9.70 -40.05
N PRO A 1088 20.05 -10.83 -40.56
CA PRO A 1088 21.42 -11.27 -40.21
C PRO A 1088 22.43 -10.20 -40.62
N GLN A 1089 23.48 -10.09 -39.80
CA GLN A 1089 24.48 -9.05 -39.98
C GLN A 1089 25.52 -9.45 -41.02
N GLY A 1090 25.86 -8.50 -41.91
CA GLY A 1090 26.95 -8.66 -42.84
C GLY A 1090 28.25 -8.12 -42.29
N GLU A 1091 29.31 -8.28 -43.09
CA GLU A 1091 30.67 -8.11 -42.58
C GLU A 1091 30.97 -6.69 -42.10
N SER A 1092 30.06 -5.74 -42.35
CA SER A 1092 30.03 -4.48 -41.62
C SER A 1092 28.58 -4.16 -41.26
N GLN A 1093 28.41 -3.18 -40.37
CA GLN A 1093 27.09 -2.76 -39.93
C GLN A 1093 26.29 -2.22 -41.11
N GLY A 1094 25.15 -2.86 -41.40
CA GLY A 1094 24.31 -2.50 -42.54
C GLY A 1094 23.36 -1.36 -42.26
N ALA A 1095 22.35 -1.26 -43.12
CA ALA A 1095 21.37 -0.19 -43.02
C ALA A 1095 20.30 -0.49 -41.98
N GLY A 1096 20.05 -1.76 -41.69
CA GLY A 1096 19.14 -2.12 -40.60
C GLY A 1096 17.72 -1.65 -40.84
N LEU A 1097 17.15 -0.98 -39.84
CA LEU A 1097 15.76 -0.56 -39.86
C LEU A 1097 15.66 0.87 -39.35
N PRO A 1098 16.20 1.82 -40.11
CA PRO A 1098 16.27 3.21 -39.62
C PRO A 1098 14.93 3.71 -39.13
N VAL A 1099 14.93 4.28 -37.92
CA VAL A 1099 13.75 4.98 -37.44
C VAL A 1099 13.48 6.15 -38.37
N SER A 1100 12.20 6.44 -38.60
CA SER A 1100 11.84 7.57 -39.45
C SER A 1100 11.57 8.79 -38.57
N SER A 1101 11.96 9.96 -39.08
CA SER A 1101 11.80 11.21 -38.35
C SER A 1101 10.43 11.78 -38.68
N LYS A 1102 9.57 11.88 -37.67
CA LYS A 1102 8.16 12.13 -37.92
C LYS A 1102 7.79 13.58 -37.65
C1 GLC B . -33.07 24.11 1.00
C2 GLC B . -32.29 23.59 2.22
C3 GLC B . -32.46 22.08 2.34
C4 GLC B . -33.95 21.68 2.30
C5 GLC B . -34.73 22.43 1.20
C6 GLC B . -36.26 22.31 1.33
O2 GLC B . -30.91 23.93 2.18
O3 GLC B . -31.78 21.60 3.49
O4 GLC B . -34.05 20.28 2.13
O5 GLC B . -34.44 23.81 1.18
O6 GLC B . -36.74 21.06 0.86
C1 GLC B . -34.45 19.64 3.37
C2 GLC B . -33.46 18.54 3.79
C3 GLC B . -33.54 17.30 2.89
C4 GLC B . -34.99 16.85 2.63
C5 GLC B . -35.84 18.07 2.25
C6 GLC B . -37.33 17.77 2.09
O2 GLC B . -32.14 19.04 3.75
O3 GLC B . -32.77 16.26 3.46
O4 GLC B . -34.94 15.92 1.56
O5 GLC B . -35.74 19.06 3.25
O6 GLC B . -37.88 17.43 3.35
C1 GLC B . -35.77 14.74 1.75
C2 GLC B . -34.90 13.49 1.95
C3 GLC B . -33.93 13.38 0.78
C4 GLC B . -34.69 13.29 -0.55
C5 GLC B . -35.91 14.23 -0.62
C6 GLC B . -36.93 13.67 -1.63
O2 GLC B . -34.21 13.53 3.17
O3 GLC B . -33.12 12.25 0.95
O4 GLC B . -33.79 13.64 -1.59
O5 GLC B . -36.58 14.46 0.62
O6 GLC B . -38.00 14.59 -1.79
C1 GLC B . -33.69 12.60 -2.59
C2 GLC B . -32.20 12.36 -2.90
C3 GLC B . -31.54 13.45 -3.76
C4 GLC B . -32.46 14.06 -4.85
C5 GLC B . -33.89 14.21 -4.31
C6 GLC B . -34.85 14.74 -5.36
O2 GLC B . -31.51 12.22 -1.67
O3 GLC B . -30.36 12.95 -4.36
O4 GLC B . -31.97 15.34 -5.22
O5 GLC B . -34.36 12.98 -3.78
O6 GLC B . -36.00 13.91 -5.41
C1 GLC B . -31.63 15.46 -6.63
C2 GLC B . -30.25 16.12 -6.73
C3 GLC B . -30.30 17.61 -6.35
C4 GLC B . -31.42 18.37 -7.09
C5 GLC B . -32.72 17.57 -6.87
C6 GLC B . -34.00 18.21 -7.41
O2 GLC B . -29.33 15.47 -5.88
O3 GLC B . -29.03 18.19 -6.59
O4 GLC B . -31.51 19.70 -6.58
O5 GLC B . -32.57 16.23 -7.35
O6 GLC B . -33.83 18.83 -8.67
C1 GLC B . -31.40 20.73 -7.62
C2 GLC B . -30.17 21.62 -7.38
C3 GLC B . -30.30 22.58 -6.19
C4 GLC B . -31.71 23.11 -5.92
C5 GLC B . -32.82 22.16 -6.38
C6 GLC B . -34.17 22.88 -6.43
O2 GLC B . -28.99 20.85 -7.18
O3 GLC B . -29.42 23.66 -6.42
O4 GLC B . -31.84 23.29 -4.53
O5 GLC B . -32.54 21.57 -7.63
O6 GLC B . -34.89 22.47 -7.58
C1 GLC B . -31.91 24.69 -4.14
C2 GLC B . -30.81 25.08 -3.12
C3 GLC B . -30.99 24.41 -1.76
C4 GLC B . -32.45 24.47 -1.27
C5 GLC B . -33.48 24.22 -2.39
C6 GLC B . -34.93 24.47 -2.00
O2 GLC B . -29.50 24.80 -3.57
O3 GLC B . -30.09 25.00 -0.82
O4 GLC B . -32.58 23.51 -0.23
O5 GLC B . -33.18 24.97 -3.56
O6 GLC B . -35.12 25.71 -1.34
C1 GLC C . -4.61 4.27 -10.54
C2 GLC C . -3.94 2.96 -10.92
C3 GLC C . -4.37 1.86 -9.94
C4 GLC C . -4.17 2.32 -8.49
C5 GLC C . -4.69 3.75 -8.23
C6 GLC C . -4.32 4.29 -6.85
O2 GLC C . -4.27 2.63 -12.26
O3 GLC C . -3.62 0.69 -10.13
O4 GLC C . -4.81 1.40 -7.62
O5 GLC C . -4.17 4.61 -9.22
O6 GLC C . -5.49 4.63 -6.11
C1 GLC C . -3.81 0.59 -7.00
C2 GLC C . -4.27 -0.86 -7.08
C3 GLC C . -5.58 -1.05 -6.33
C4 GLC C . -5.55 -0.42 -4.93
C5 GLC C . -4.87 0.96 -4.92
C6 GLC C . -4.60 1.47 -3.50
O2 GLC C . -4.38 -1.21 -8.45
O3 GLC C . -5.84 -2.43 -6.16
O4 GLC C . -6.87 -0.37 -4.43
O5 GLC C . -3.64 0.92 -5.63
O6 GLC C . -3.81 0.56 -2.75
C1 GLC C . -6.94 -0.92 -3.08
C2 GLC C . -7.94 -2.07 -3.02
C3 GLC C . -9.31 -1.55 -3.44
C4 GLC C . -9.72 -0.30 -2.66
C5 GLC C . -8.58 0.71 -2.48
C6 GLC C . -8.89 1.71 -1.36
O2 GLC C . -7.55 -3.15 -3.83
O3 GLC C . -10.27 -2.58 -3.27
O4 GLC C . -10.80 0.31 -3.34
O5 GLC C . -7.35 0.07 -2.15
O6 GLC C . -7.77 2.50 -1.04
C1 GLC C . -11.93 0.51 -2.45
C2 GLC C . -13.18 -0.22 -2.97
C3 GLC C . -13.75 0.43 -4.25
C4 GLC C . -13.74 1.95 -4.21
C5 GLC C . -12.44 2.49 -3.62
C6 GLC C . -12.41 4.00 -3.50
O2 GLC C . -12.90 -1.58 -3.20
O3 GLC C . -15.08 -0.02 -4.44
O4 GLC C . -13.88 2.44 -5.52
O5 GLC C . -12.22 1.90 -2.35
O6 GLC C . -11.09 4.40 -3.27
C1 GLC C . -15.18 3.08 -5.68
C2 GLC C . -15.90 2.45 -6.88
C3 GLC C . -15.17 2.73 -8.19
C4 GLC C . -14.78 4.20 -8.35
C5 GLC C . -14.26 4.81 -7.04
C6 GLC C . -14.19 6.33 -7.14
O2 GLC C . -16.07 1.06 -6.68
O3 GLC C . -16.01 2.30 -9.24
O4 GLC C . -13.72 4.30 -9.29
O5 GLC C . -15.06 4.47 -5.93
O6 GLC C . -13.09 6.79 -6.37
C1 GLC C . -14.11 5.05 -10.47
C2 GLC C . -13.76 4.21 -11.70
C3 GLC C . -12.25 4.08 -11.93
C4 GLC C . -11.50 5.40 -11.83
C5 GLC C . -12.03 6.25 -10.67
C6 GLC C . -11.58 7.70 -10.84
O2 GLC C . -14.33 2.95 -11.53
O3 GLC C . -12.00 3.53 -13.21
O4 GLC C . -10.13 5.08 -11.63
O5 GLC C . -13.44 6.30 -10.59
O6 GLC C . -12.02 8.44 -9.73
C1 GLC C . -9.26 5.71 -12.61
C2 GLC C . -8.48 4.65 -13.38
C3 GLC C . -7.43 3.92 -12.52
C4 GLC C . -6.66 4.87 -11.59
C5 GLC C . -7.63 5.87 -10.95
C6 GLC C . -6.99 6.83 -9.95
O2 GLC C . -9.39 3.69 -13.87
O3 GLC C . -6.53 3.18 -13.33
O4 GLC C . -6.04 4.10 -10.57
O5 GLC C . -8.33 6.56 -11.97
O6 GLC C . -5.75 7.31 -10.45
CA CA D . -4.82 -15.18 7.34
CA CA E . -4.39 15.44 3.21
CA CA F . -29.53 12.23 27.36
CA CA G . 24.46 -4.91 -35.66
CA CA H . 5.67 -11.38 12.53
C ACT I . -4.12 -4.63 4.03
O ACT I . -5.04 -4.20 4.76
OXT ACT I . -4.33 -4.64 2.78
CH3 ACT I . -2.86 -5.11 4.66
C ACT J . 31.15 -17.27 6.23
O ACT J . 30.62 -17.40 7.37
OXT ACT J . 31.42 -18.34 5.62
CH3 ACT J . 31.44 -15.94 5.63
C1 GOL K . -1.76 -2.43 0.91
O1 GOL K . -0.74 -1.79 1.65
C2 GOL K . -1.33 -2.66 -0.55
O2 GOL K . -0.42 -1.67 -0.99
C3 GOL K . -0.78 -4.08 -0.76
O3 GOL K . -0.89 -4.51 -2.12
#